data_8XJK
#
_entry.id   8XJK
#
_cell.length_a   1.00
_cell.length_b   1.00
_cell.length_c   1.00
_cell.angle_alpha   90.00
_cell.angle_beta   90.00
_cell.angle_gamma   90.00
#
_symmetry.space_group_name_H-M   'P 1'
#
loop_
_entity.id
_entity.type
_entity.pdbx_description
1 polymer 'Engineered miniGq'
2 polymer 'Guanine nucleotide-binding protein G(I)/G(S)/G(T) subunit beta-1'
3 polymer 'Guanine nucleotide-binding protein G(I)/G(S)/G(O) subunit gamma-2'
4 polymer 'Antibody fragment scFv16'
5 polymer 'Fusion tag,Prostaglandin F2-alpha receptor,LgBiT'
6 non-polymer Cloprostenol
#
loop_
_entity_poly.entity_id
_entity_poly.type
_entity_poly.pdbx_seq_one_letter_code
_entity_poly.pdbx_strand_id
1 'polypeptide(L)'
;MGSTVSAEDKAAAERSKMIDKNLREDGEKARRTLRLLLLGADNSGKSTIVKQMRILHGGSGGSGGTSGIFETKFQVDKVN
FHMFDVGGQRDERRKWIQCFNDVTAIIFVVDSSDYNRLQEALNDFKSIWNNRWLRTISVILFLNKQDLLAEKVLAGKSKI
EDYFPEFARYTTPEDATPEPGEDPRVTRAKYFIRKEFVDISTASGDGRHICYPHFTCAVDTENARRIFNDCKDIILQMNL
REYNLV
;
A
2 'polypeptide(L)'
;MHHHHHHGSSGSELDQLRQEAEQLKNQIRDARKACADATLSQITNNIDPVGRIQMRTRRTLRGHLAKIYAMHWGTDSRLL
VSASQDGKLIIWDSYTTNKVHAIPLRSSWVMTCAYAPSGNYVACGGLDNICSIYNLKTREGNVRVSRELAGHTGYLSCCR
FLDDNQIVTSSGDTTCALWDIETGQQTTTFTGHTGDVMSLSLAPDTRLFVSGACDASAKLWDVREGMCRQTFTGHESDIN
AICFFPNGNAFATGSDDATCRLFDLRADQELMTYSHDNIICGITSVSFSKSGRLLLAGYDDFNCNVWDALKADRAGVLAG
HDNRVSCLGVTDDGMAVATGSWDSFLKIWNGSSGGGGSGGGGSSGVSGWRLFKKIS
;
B
3 'polypeptide(L)' MASNNTASIAQARKLVEQLKMEANIDRIKVSKAAADLMAYCEAHAKEDPLLTPVPASENPFREKKFFCAIL C
4 'polypeptide(L)'
;VQLVESGGGLVQPGGSRKLSCSASGFAFSSFGMHWVRQAPEKGLEWVAYISSGSGTIYYADTVKGRFTISRDDPKNTLFL
QMTSLRSEDTAMYYCVRSIYYYGSSPFDFWGQGTTLTVSSGGGGSGGGGSGGGGSDIVMTQATSSVPVTPGESVSISCRS
SKSLLHSNGNTYLYWFLQRPGQSPQLLIYRMSNLASGVPDRFSGSGSGTAFTLTISRLEAEDVGVYYCMQHLEYPLTFGA
GTKLELLEENLYFQ
;
E
5 'polypeptide(L)'
;DYKDDDDHHHHHHHHGQPGNGSAFLLAPNGSHAPDHNVTQQRDEGGSGQPGNGSAFLLAPNGSHAPDHNVTQQRDEENLY
FQGVDMSMNNSKQLVSPAAALLSNTTCQTENRLSVFFSVIFMTVGILSNSLAIAILMKAYQRFRQKSKASFLLLASGLVI
TDFFGHLINGAIAVFVYASDKEWIRFDQSNVLCSIFGICMVFSGLCPLLLGSVMAIERCIGVTKPIFHSTKITSKHVKMM
LSGVCLFAVFIALLPILGHRDYKIQASRTWCFYNTEDIKDWEDRFYLLLFSFLGLLALGVSLLCNAITGITLLRVKFKSQ
QHRQGRSHHLEMVIQLLAIMCVSCICWSPFLVTMANIGINGNHSLETCETTLFALRMATWNQILDPWVYILLRKAVLKNL
YKLASQCCGVHVGSSGGGGSGGGGSSGAAAVFTLEDFVGDWEQTAAYNLDQVLEQGGVSSLLQNLAVSVTPIQRIVRSGE
NALKIDIHVIIPYEGLSADQMAQIEEVFKVVYPVDDHHFKVILPYGTLVIDGVTPNMLNYFGRPYEGIAVFDGKKITVTG
TLWNGNKIIDERLITPDGSMLFRVTINS
;
R
#
# COMPACT_ATOMS: atom_id res chain seq x y z
N VAL A 5 -7.36 0.73 -25.49
CA VAL A 5 -6.05 1.04 -24.96
C VAL A 5 -5.10 1.39 -26.11
N SER A 6 -4.52 2.58 -26.04
CA SER A 6 -3.65 3.07 -27.10
C SER A 6 -2.25 2.51 -26.97
N ALA A 7 -1.40 2.83 -27.96
CA ALA A 7 -0.03 2.33 -27.96
C ALA A 7 0.78 2.91 -26.81
N GLU A 8 0.58 4.20 -26.51
CA GLU A 8 1.28 4.80 -25.38
C GLU A 8 0.73 4.33 -24.05
N ASP A 9 -0.56 4.03 -23.99
CA ASP A 9 -1.14 3.50 -22.75
C ASP A 9 -0.57 2.14 -22.41
N LYS A 10 -0.37 1.28 -23.42
CA LYS A 10 0.25 -0.01 -23.17
C LYS A 10 1.67 0.15 -22.65
N ALA A 11 2.43 1.07 -23.24
CA ALA A 11 3.78 1.34 -22.76
C ALA A 11 3.76 1.92 -21.34
N ALA A 12 2.76 2.76 -21.04
CA ALA A 12 2.62 3.27 -19.68
C ALA A 12 2.23 2.17 -18.71
N ALA A 13 1.34 1.28 -19.11
CA ALA A 13 0.94 0.17 -18.24
C ALA A 13 2.10 -0.79 -18.00
N GLU A 14 2.92 -1.02 -19.03
CA GLU A 14 4.11 -1.84 -18.84
C GLU A 14 5.11 -1.17 -17.89
N ARG A 15 5.19 0.15 -17.92
CA ARG A 15 6.02 0.87 -16.95
C ARG A 15 5.48 0.70 -15.53
N SER A 16 4.15 0.71 -15.39
CA SER A 16 3.55 0.53 -14.07
C SER A 16 3.87 -0.85 -13.51
N LYS A 17 3.84 -1.89 -14.35
CA LYS A 17 4.15 -3.23 -13.86
C LYS A 17 5.63 -3.38 -13.49
N MET A 18 6.52 -2.69 -14.19
CA MET A 18 7.92 -2.69 -13.78
C MET A 18 8.10 -1.97 -12.45
N ILE A 19 7.28 -0.96 -12.17
CA ILE A 19 7.28 -0.33 -10.86
C ILE A 19 6.76 -1.30 -9.81
N ASP A 20 5.68 -2.01 -10.11
CA ASP A 20 5.11 -2.97 -9.17
C ASP A 20 6.09 -4.07 -8.82
N LYS A 21 6.90 -4.51 -9.80
CA LYS A 21 7.90 -5.54 -9.54
C LYS A 21 8.93 -5.07 -8.53
N ASN A 22 9.42 -3.84 -8.67
CA ASN A 22 10.42 -3.33 -7.73
C ASN A 22 9.81 -2.97 -6.39
N LEU A 23 8.51 -2.64 -6.34
CA LEU A 23 7.84 -2.43 -5.07
C LEU A 23 7.77 -3.71 -4.26
N ARG A 24 7.49 -4.84 -4.92
CA ARG A 24 7.42 -6.11 -4.21
C ARG A 24 8.80 -6.60 -3.80
N GLU A 25 9.81 -6.36 -4.64
CA GLU A 25 11.16 -6.79 -4.32
C GLU A 25 11.70 -6.03 -3.10
N ASP A 26 11.41 -4.73 -3.01
CA ASP A 26 11.85 -3.95 -1.85
C ASP A 26 11.06 -4.32 -0.60
N GLY A 27 9.78 -4.65 -0.75
CA GLY A 27 8.99 -5.07 0.39
C GLY A 27 9.51 -6.36 1.01
N GLU A 28 9.92 -7.31 0.17
CA GLU A 28 10.49 -8.56 0.68
C GLU A 28 11.82 -8.32 1.36
N LYS A 29 12.62 -7.37 0.85
CA LYS A 29 13.89 -7.03 1.49
C LYS A 29 13.67 -6.39 2.84
N ALA A 30 12.62 -5.56 2.97
CA ALA A 30 12.34 -4.91 4.24
C ALA A 30 11.88 -5.90 5.30
N ARG A 31 11.24 -7.00 4.89
CA ARG A 31 10.76 -7.99 5.85
C ARG A 31 11.86 -8.90 6.36
N ARG A 32 13.06 -8.85 5.78
CA ARG A 32 14.15 -9.69 6.25
C ARG A 32 14.82 -9.16 7.51
N THR A 33 14.45 -7.97 7.97
CA THR A 33 14.96 -7.41 9.21
C THR A 33 13.81 -7.19 10.18
N LEU A 34 14.11 -7.31 11.48
CA LEU A 34 13.14 -7.06 12.53
C LEU A 34 13.33 -5.65 13.08
N ARG A 35 12.23 -4.91 13.18
CA ARG A 35 12.27 -3.51 13.60
C ARG A 35 11.93 -3.39 15.07
N LEU A 36 12.76 -2.66 15.81
CA LEU A 36 12.60 -2.46 17.25
C LEU A 36 12.53 -0.97 17.55
N LEU A 37 11.74 -0.63 18.56
CA LEU A 37 11.64 0.74 19.04
C LEU A 37 12.27 0.84 20.42
N LEU A 38 13.23 1.74 20.58
CA LEU A 38 13.95 1.93 21.83
C LEU A 38 13.35 3.12 22.57
N LEU A 39 12.91 2.90 23.80
CA LEU A 39 12.30 3.94 24.61
C LEU A 39 12.90 3.90 26.01
N GLY A 40 12.87 5.05 26.68
CA GLY A 40 13.39 5.14 28.04
C GLY A 40 13.62 6.58 28.43
N ALA A 41 13.96 6.75 29.71
CA ALA A 41 14.22 8.08 30.25
C ALA A 41 15.67 8.48 29.98
N ASP A 42 16.04 9.65 30.50
CA ASP A 42 17.39 10.17 30.29
C ASP A 42 18.41 9.35 31.06
N ASN A 43 18.06 8.87 32.26
CA ASN A 43 18.96 8.11 33.09
C ASN A 43 18.84 6.60 32.87
N SER A 44 18.04 6.18 31.90
CA SER A 44 17.84 4.75 31.67
C SER A 44 19.13 4.07 31.26
N GLY A 45 19.94 4.74 30.43
CA GLY A 45 21.13 4.13 29.88
C GLY A 45 20.88 3.28 28.66
N LYS A 46 19.78 3.54 27.94
CA LYS A 46 19.45 2.74 26.76
C LYS A 46 20.53 2.86 25.69
N SER A 47 21.28 3.97 25.68
CA SER A 47 22.36 4.10 24.71
C SER A 47 23.46 3.08 24.96
N THR A 48 23.79 2.84 26.23
CA THR A 48 24.84 1.87 26.54
C THR A 48 24.42 0.45 26.19
N ILE A 49 23.12 0.15 26.29
CA ILE A 49 22.61 -1.14 25.87
C ILE A 49 22.84 -1.33 24.37
N VAL A 50 22.57 -0.29 23.59
CA VAL A 50 22.72 -0.37 22.14
C VAL A 50 24.20 -0.50 21.76
N LYS A 51 25.06 0.29 22.40
CA LYS A 51 26.46 0.33 22.01
C LYS A 51 27.14 -1.02 22.22
N GLN A 52 26.83 -1.70 23.33
CA GLN A 52 27.40 -3.02 23.57
C GLN A 52 26.91 -4.03 22.54
N MET A 53 25.62 -3.98 22.19
CA MET A 53 25.10 -4.89 21.17
C MET A 53 25.71 -4.62 19.81
N ARG A 54 25.89 -3.36 19.45
CA ARG A 54 26.50 -3.00 18.17
C ARG A 54 28.00 -3.26 18.20
N GLY A 68 16.85 13.33 13.22
CA GLY A 68 15.86 13.24 14.29
C GLY A 68 15.71 11.83 14.84
N ILE A 69 16.02 10.84 14.02
CA ILE A 69 15.91 9.43 14.38
C ILE A 69 17.30 8.82 14.38
N PHE A 70 17.65 8.14 15.47
CA PHE A 70 18.90 7.41 15.60
C PHE A 70 18.64 5.94 15.35
N GLU A 71 19.43 5.32 14.48
CA GLU A 71 19.21 3.94 14.07
C GLU A 71 20.49 3.14 14.27
N THR A 72 20.33 1.88 14.69
CA THR A 72 21.44 0.98 14.90
C THR A 72 21.06 -0.41 14.40
N LYS A 73 21.98 -1.06 13.70
CA LYS A 73 21.77 -2.38 13.16
C LYS A 73 22.72 -3.37 13.84
N PHE A 74 22.15 -4.44 14.39
CA PHE A 74 22.94 -5.52 14.96
C PHE A 74 22.36 -6.85 14.51
N GLN A 75 23.20 -7.87 14.48
CA GLN A 75 22.85 -9.18 13.95
C GLN A 75 23.07 -10.25 15.00
N VAL A 76 22.06 -11.10 15.19
CA VAL A 76 22.14 -12.21 16.13
C VAL A 76 21.76 -13.49 15.37
N ASP A 77 22.69 -14.42 15.28
CA ASP A 77 22.49 -15.68 14.57
C ASP A 77 22.01 -15.45 13.14
N LYS A 78 22.70 -14.56 12.43
CA LYS A 78 22.41 -14.23 11.04
C LYS A 78 21.00 -13.66 10.87
N VAL A 79 20.49 -13.00 11.90
CA VAL A 79 19.21 -12.32 11.86
C VAL A 79 19.44 -10.84 12.11
N ASN A 80 18.96 -10.00 11.20
CA ASN A 80 19.23 -8.57 11.25
C ASN A 80 18.16 -7.86 12.06
N PHE A 81 18.60 -7.00 12.98
CA PHE A 81 17.73 -6.20 13.81
C PHE A 81 17.99 -4.72 13.53
N HIS A 82 16.92 -3.95 13.34
CA HIS A 82 17.00 -2.53 13.08
C HIS A 82 16.24 -1.79 14.17
N MET A 83 16.97 -1.14 15.07
CA MET A 83 16.40 -0.49 16.24
C MET A 83 16.42 1.02 16.06
N PHE A 84 15.28 1.65 16.35
CA PHE A 84 15.10 3.08 16.16
C PHE A 84 14.98 3.77 17.52
N ASP A 85 15.79 4.81 17.73
CA ASP A 85 15.74 5.60 18.96
C ASP A 85 15.38 7.04 18.58
N VAL A 86 14.13 7.40 18.77
CA VAL A 86 13.63 8.72 18.39
C VAL A 86 14.07 9.72 19.45
N GLY A 87 14.85 10.71 19.03
CA GLY A 87 15.34 11.74 19.93
C GLY A 87 15.62 13.05 19.24
N ARG A 93 4.60 12.15 23.70
CA ARG A 93 4.94 11.45 22.46
C ARG A 93 3.76 10.63 21.94
N ARG A 94 2.56 11.07 22.29
CA ARG A 94 1.35 10.37 21.88
C ARG A 94 1.09 10.47 20.39
N LYS A 95 1.80 11.34 19.67
CA LYS A 95 1.53 11.57 18.25
C LYS A 95 2.43 10.76 17.34
N TRP A 96 3.75 10.80 17.54
CA TRP A 96 4.65 10.06 16.68
C TRP A 96 4.81 8.60 17.09
N ILE A 97 4.21 8.18 18.21
CA ILE A 97 4.24 6.78 18.59
C ILE A 97 3.38 5.94 17.66
N GLN A 98 2.42 6.56 16.95
CA GLN A 98 1.61 5.83 16.00
C GLN A 98 2.40 5.34 14.80
N CYS A 99 3.55 5.97 14.51
CA CYS A 99 4.38 5.52 13.39
C CYS A 99 4.89 4.10 13.61
N PHE A 100 5.27 3.77 14.84
CA PHE A 100 5.77 2.45 15.18
C PHE A 100 4.64 1.52 15.60
N ASN A 101 3.59 1.46 14.79
CA ASN A 101 2.44 0.62 15.07
C ASN A 101 2.66 -0.83 14.65
N ASP A 102 3.68 -1.10 13.83
CA ASP A 102 3.91 -2.44 13.30
C ASP A 102 5.35 -2.89 13.50
N VAL A 103 6.00 -2.41 14.57
CA VAL A 103 7.31 -2.93 14.94
C VAL A 103 7.14 -4.28 15.62
N THR A 104 8.22 -5.06 15.62
CA THR A 104 8.18 -6.37 16.26
C THR A 104 8.05 -6.24 17.77
N ALA A 105 8.85 -5.36 18.39
CA ALA A 105 8.84 -5.19 19.83
C ALA A 105 9.29 -3.79 20.19
N ILE A 106 8.92 -3.36 21.39
CA ILE A 106 9.38 -2.11 21.97
C ILE A 106 10.35 -2.44 23.09
N ILE A 107 11.54 -1.84 23.05
CA ILE A 107 12.57 -2.06 24.06
C ILE A 107 12.48 -0.89 25.03
N PHE A 108 11.77 -1.10 26.13
CA PHE A 108 11.58 -0.07 27.15
C PHE A 108 12.63 -0.28 28.24
N VAL A 109 13.43 0.74 28.51
CA VAL A 109 14.55 0.67 29.44
C VAL A 109 14.27 1.58 30.62
N VAL A 110 14.54 1.09 31.83
CA VAL A 110 14.38 1.86 33.05
C VAL A 110 15.64 1.75 33.89
N ASP A 111 15.81 2.70 34.79
CA ASP A 111 16.91 2.72 35.74
C ASP A 111 16.34 2.32 37.11
N SER A 112 16.53 1.04 37.46
CA SER A 112 15.94 0.53 38.70
C SER A 112 16.65 1.04 39.94
N SER A 113 17.89 1.53 39.80
CA SER A 113 18.62 2.04 40.95
C SER A 113 17.97 3.28 41.53
N ASP A 114 17.54 4.20 40.67
CA ASP A 114 16.97 5.48 41.11
C ASP A 114 15.55 5.24 41.60
N TYR A 115 15.39 5.15 42.92
CA TYR A 115 14.07 4.91 43.50
C TYR A 115 13.15 6.12 43.31
N ASN A 116 13.72 7.33 43.26
CA ASN A 116 12.91 8.53 43.17
C ASN A 116 12.11 8.58 41.87
N ARG A 117 12.74 8.17 40.76
CA ARG A 117 12.12 8.25 39.45
C ARG A 117 11.50 6.93 39.00
N LEU A 118 11.40 5.95 39.90
CA LEU A 118 10.75 4.68 39.55
C LEU A 118 9.27 4.89 39.24
N GLN A 119 8.61 5.76 39.99
CA GLN A 119 7.20 6.01 39.74
C GLN A 119 6.99 6.71 38.39
N GLU A 120 7.94 7.54 37.97
CA GLU A 120 7.87 8.11 36.63
C GLU A 120 7.96 7.03 35.56
N ALA A 121 8.86 6.06 35.74
CA ALA A 121 8.98 4.97 34.79
C ALA A 121 7.72 4.11 34.75
N LEU A 122 7.13 3.85 35.92
CA LEU A 122 5.89 3.08 35.97
C LEU A 122 4.76 3.77 35.22
N ASN A 123 4.64 5.10 35.39
CA ASN A 123 3.64 5.84 34.64
C ASN A 123 4.01 5.94 33.17
N ASP A 124 5.30 6.06 32.87
CA ASP A 124 5.75 6.05 31.47
C ASP A 124 5.47 4.70 30.82
N PHE A 125 5.74 3.60 31.55
CA PHE A 125 5.44 2.28 31.03
C PHE A 125 3.94 2.09 30.87
N LYS A 126 3.15 2.63 31.79
CA LYS A 126 1.71 2.46 31.73
C LYS A 126 1.12 3.15 30.50
N SER A 127 1.64 4.31 30.14
CA SER A 127 1.17 5.00 28.95
C SER A 127 1.47 4.21 27.68
N ILE A 128 2.68 3.65 27.60
CA ILE A 128 3.07 2.87 26.43
C ILE A 128 2.25 1.58 26.35
N TRP A 129 2.11 0.89 27.48
CA TRP A 129 1.41 -0.40 27.49
C TRP A 129 -0.06 -0.22 27.15
N ASN A 130 -0.69 0.83 27.65
CA ASN A 130 -2.11 1.06 27.45
C ASN A 130 -2.40 1.95 26.25
N ASN A 131 -1.38 2.27 25.45
CA ASN A 131 -1.59 3.08 24.26
C ASN A 131 -2.52 2.37 23.29
N ARG A 132 -3.39 3.14 22.64
CA ARG A 132 -4.39 2.56 21.76
C ARG A 132 -3.78 1.98 20.49
N TRP A 133 -2.64 2.52 20.06
CA TRP A 133 -1.98 2.08 18.83
C TRP A 133 -0.82 1.13 19.09
N LEU A 134 -0.68 0.64 20.32
CA LEU A 134 0.36 -0.33 20.66
C LEU A 134 -0.25 -1.55 21.36
N ARG A 135 -1.54 -1.82 21.10
CA ARG A 135 -2.23 -2.91 21.77
C ARG A 135 -1.67 -4.28 21.39
N THR A 136 -1.06 -4.42 20.21
CA THR A 136 -0.53 -5.69 19.75
C THR A 136 1.00 -5.72 19.77
N ILE A 137 1.65 -4.72 20.35
CA ILE A 137 3.10 -4.64 20.38
C ILE A 137 3.60 -5.10 21.74
N SER A 138 4.40 -6.16 21.75
CA SER A 138 4.98 -6.67 22.99
C SER A 138 6.17 -5.82 23.40
N VAL A 139 6.34 -5.65 24.71
CA VAL A 139 7.37 -4.79 25.28
C VAL A 139 8.45 -5.67 25.90
N ILE A 140 9.70 -5.45 25.50
CA ILE A 140 10.84 -6.14 26.08
C ILE A 140 11.44 -5.20 27.11
N LEU A 141 11.01 -5.35 28.36
CA LEU A 141 11.46 -4.47 29.43
C LEU A 141 12.89 -4.82 29.83
N PHE A 142 13.73 -3.79 29.98
CA PHE A 142 15.12 -3.95 30.39
C PHE A 142 15.34 -3.12 31.65
N LEU A 143 15.27 -3.77 32.81
CA LEU A 143 15.51 -3.10 34.09
C LEU A 143 17.01 -2.90 34.22
N ASN A 144 17.50 -1.79 33.67
CA ASN A 144 18.92 -1.56 33.53
C ASN A 144 19.56 -1.19 34.87
N LYS A 145 20.90 -1.29 34.91
CA LYS A 145 21.72 -0.88 36.05
C LYS A 145 21.36 -1.65 37.31
N GLN A 146 21.53 -2.98 37.23
CA GLN A 146 21.30 -3.83 38.39
C GLN A 146 22.45 -3.77 39.39
N ASP A 147 23.67 -3.51 38.91
CA ASP A 147 24.80 -3.41 39.83
C ASP A 147 24.64 -2.24 40.79
N LEU A 148 24.15 -1.10 40.28
CA LEU A 148 23.87 0.03 41.16
C LEU A 148 22.75 -0.29 42.14
N LEU A 149 21.74 -1.02 41.69
CA LEU A 149 20.65 -1.42 42.58
C LEU A 149 21.15 -2.33 43.69
N ALA A 150 22.04 -3.27 43.35
CA ALA A 150 22.58 -4.16 44.38
C ALA A 150 23.40 -3.41 45.41
N GLU A 151 24.21 -2.45 44.96
CA GLU A 151 25.00 -1.65 45.90
C GLU A 151 24.12 -0.76 46.75
N LYS A 152 23.04 -0.22 46.16
CA LYS A 152 22.16 0.67 46.90
C LYS A 152 21.45 -0.06 48.03
N VAL A 153 21.01 -1.30 47.78
CA VAL A 153 20.36 -2.08 48.83
C VAL A 153 21.37 -2.49 49.90
N LEU A 154 22.58 -2.85 49.49
CA LEU A 154 23.60 -3.26 50.46
C LEU A 154 23.97 -2.13 51.41
N ALA A 155 24.12 -0.91 50.88
CA ALA A 155 24.47 0.22 51.73
C ALA A 155 23.39 0.51 52.76
N GLY A 156 22.12 0.45 52.36
CA GLY A 156 21.03 0.68 53.27
C GLY A 156 20.75 2.13 53.58
N LYS A 157 21.45 3.07 52.95
CA LYS A 157 21.20 4.49 53.20
C LYS A 157 19.81 4.89 52.74
N SER A 158 19.37 4.39 51.59
CA SER A 158 18.06 4.69 51.04
C SER A 158 17.18 3.45 51.11
N LYS A 159 15.90 3.66 51.40
CA LYS A 159 14.94 2.59 51.58
C LYS A 159 13.88 2.66 50.49
N ILE A 160 13.58 1.51 49.87
CA ILE A 160 12.51 1.47 48.88
C ILE A 160 11.17 1.71 49.56
N GLU A 161 11.06 1.37 50.84
CA GLU A 161 9.81 1.54 51.57
C GLU A 161 9.40 3.01 51.66
N ASP A 162 10.38 3.91 51.62
CA ASP A 162 10.07 5.35 51.68
C ASP A 162 9.28 5.78 50.46
N TYR A 163 9.66 5.29 49.28
CA TYR A 163 8.97 5.65 48.04
C TYR A 163 7.78 4.75 47.77
N PHE A 164 7.89 3.46 48.12
CA PHE A 164 6.81 2.49 47.93
C PHE A 164 6.42 1.91 49.28
N PRO A 165 5.31 2.34 49.88
CA PRO A 165 4.93 1.82 51.20
C PRO A 165 4.65 0.32 51.20
N GLU A 166 4.17 -0.24 50.09
CA GLU A 166 3.82 -1.65 50.05
C GLU A 166 5.04 -2.56 50.03
N PHE A 167 6.25 -2.02 49.86
CA PHE A 167 7.43 -2.88 49.84
C PHE A 167 7.73 -3.46 51.21
N ALA A 168 7.33 -2.77 52.28
CA ALA A 168 7.60 -3.26 53.63
C ALA A 168 6.86 -4.57 53.91
N ARG A 169 5.73 -4.79 53.25
CA ARG A 169 4.92 -5.99 53.46
C ARG A 169 5.05 -6.98 52.30
N TYR A 170 6.08 -6.82 51.47
CA TYR A 170 6.33 -7.71 50.35
C TYR A 170 7.43 -8.71 50.70
N THR A 171 7.20 -9.97 50.34
CA THR A 171 8.15 -11.04 50.59
C THR A 171 8.45 -11.76 49.28
N THR A 172 9.67 -12.28 49.18
CA THR A 172 10.07 -13.00 47.99
C THR A 172 9.24 -14.27 47.85
N PRO A 173 8.69 -14.57 46.67
CA PRO A 173 7.90 -15.80 46.51
C PRO A 173 8.75 -17.04 46.75
N GLU A 174 8.09 -18.07 47.30
CA GLU A 174 8.79 -19.33 47.55
C GLU A 174 9.21 -20.01 46.26
N ASP A 175 8.46 -19.81 45.18
CA ASP A 175 8.79 -20.40 43.89
C ASP A 175 9.83 -19.60 43.11
N ALA A 176 10.29 -18.47 43.66
CA ALA A 176 11.28 -17.65 42.98
C ALA A 176 12.60 -18.40 42.87
N THR A 177 13.37 -18.06 41.83
CA THR A 177 14.66 -18.68 41.53
C THR A 177 15.72 -17.60 41.45
N PRO A 178 16.26 -17.17 42.59
CA PRO A 178 17.32 -16.16 42.56
C PRO A 178 18.61 -16.71 41.97
N GLU A 179 19.42 -15.80 41.45
CA GLU A 179 20.71 -16.18 40.89
C GLU A 179 21.63 -16.70 41.98
N PRO A 180 22.56 -17.59 41.64
CA PRO A 180 23.52 -18.08 42.64
C PRO A 180 24.37 -16.95 43.21
N GLY A 181 24.62 -17.01 44.51
CA GLY A 181 25.43 -16.01 45.17
C GLY A 181 24.79 -14.63 45.26
N GLU A 182 23.46 -14.57 45.28
CA GLU A 182 22.73 -13.31 45.31
C GLU A 182 22.16 -13.09 46.71
N ASP A 183 22.38 -11.90 47.25
CA ASP A 183 21.88 -11.58 48.57
C ASP A 183 20.35 -11.59 48.57
N PRO A 184 19.71 -12.18 49.58
CA PRO A 184 18.24 -12.16 49.62
C PRO A 184 17.64 -10.76 49.66
N ARG A 185 18.33 -9.79 50.26
CA ARG A 185 17.83 -8.42 50.25
C ARG A 185 17.75 -7.87 48.84
N VAL A 186 18.79 -8.13 48.03
CA VAL A 186 18.76 -7.68 46.64
C VAL A 186 17.69 -8.43 45.86
N THR A 187 17.56 -9.74 46.12
CA THR A 187 16.54 -10.53 45.44
C THR A 187 15.14 -10.03 45.76
N ARG A 188 14.89 -9.68 47.03
CA ARG A 188 13.59 -9.15 47.41
C ARG A 188 13.31 -7.82 46.73
N ALA A 189 14.34 -6.97 46.60
CA ALA A 189 14.17 -5.69 45.93
C ALA A 189 13.92 -5.86 44.44
N LYS A 190 14.71 -6.73 43.79
CA LYS A 190 14.58 -6.91 42.34
C LYS A 190 13.22 -7.46 41.96
N TYR A 191 12.72 -8.44 42.71
CA TYR A 191 11.41 -9.01 42.40
C TYR A 191 10.29 -8.01 42.66
N PHE A 192 10.46 -7.13 43.63
CA PHE A 192 9.44 -6.11 43.88
C PHE A 192 9.37 -5.11 42.74
N ILE A 193 10.54 -4.62 42.29
CA ILE A 193 10.57 -3.66 41.19
C ILE A 193 10.02 -4.29 39.91
N ARG A 194 10.43 -5.53 39.63
CA ARG A 194 9.90 -6.22 38.45
C ARG A 194 8.40 -6.43 38.55
N LYS A 195 7.90 -6.76 39.75
CA LYS A 195 6.48 -7.02 39.92
C LYS A 195 5.65 -5.77 39.61
N GLU A 196 6.16 -4.60 39.96
CA GLU A 196 5.42 -3.36 39.69
C GLU A 196 5.18 -3.17 38.20
N PHE A 197 6.20 -3.40 37.38
CA PHE A 197 6.02 -3.33 35.93
C PHE A 197 5.12 -4.45 35.42
N VAL A 198 5.32 -5.66 35.94
CA VAL A 198 4.49 -6.80 35.51
C VAL A 198 3.05 -6.62 35.93
N ASP A 199 2.80 -6.00 37.09
CA ASP A 199 1.43 -5.75 37.51
C ASP A 199 0.69 -4.86 36.52
N ILE A 200 1.38 -3.84 36.00
CA ILE A 200 0.79 -3.00 34.95
C ILE A 200 0.54 -3.83 33.70
N SER A 201 1.49 -4.69 33.34
CA SER A 201 1.35 -5.48 32.11
C SER A 201 0.17 -6.44 32.20
N THR A 202 -0.01 -7.09 33.35
CA THR A 202 -1.07 -8.08 33.50
C THR A 202 -2.42 -7.45 33.79
N ALA A 203 -2.48 -6.15 34.05
CA ALA A 203 -3.76 -5.49 34.32
C ALA A 203 -4.61 -5.33 33.08
N SER A 204 -4.00 -5.37 31.89
CA SER A 204 -4.74 -5.17 30.64
C SER A 204 -3.95 -5.81 29.51
N GLY A 205 -4.63 -6.00 28.38
CA GLY A 205 -3.99 -6.59 27.22
C GLY A 205 -4.64 -7.89 26.80
N ASP A 206 -4.98 -8.73 27.78
CA ASP A 206 -5.69 -9.99 27.55
C ASP A 206 -4.93 -10.89 26.57
N GLY A 207 -3.61 -10.91 26.68
CA GLY A 207 -2.79 -11.78 25.87
C GLY A 207 -2.43 -11.28 24.50
N ARG A 208 -2.94 -10.10 24.11
CA ARG A 208 -2.57 -9.53 22.82
C ARG A 208 -1.08 -9.21 22.77
N HIS A 209 -0.53 -8.68 23.85
CA HIS A 209 0.91 -8.42 23.95
C HIS A 209 1.40 -8.86 25.32
N ILE A 210 2.68 -9.25 25.37
CA ILE A 210 3.30 -9.80 26.57
C ILE A 210 4.55 -8.99 26.88
N CYS A 211 4.71 -8.62 28.16
CA CYS A 211 5.93 -7.97 28.62
C CYS A 211 6.98 -9.02 28.96
N TYR A 212 8.24 -8.72 28.63
CA TYR A 212 9.36 -9.62 28.85
C TYR A 212 10.42 -8.90 29.67
N PRO A 213 10.24 -8.84 31.00
CA PRO A 213 11.21 -8.11 31.83
C PRO A 213 12.54 -8.83 31.89
N HIS A 214 13.61 -8.04 32.03
CA HIS A 214 14.95 -8.57 32.19
C HIS A 214 15.74 -7.66 33.12
N PHE A 215 16.73 -8.25 33.79
CA PHE A 215 17.60 -7.53 34.70
C PHE A 215 18.97 -7.39 34.01
N THR A 216 19.30 -6.17 33.60
CA THR A 216 20.53 -5.91 32.87
C THR A 216 21.39 -4.90 33.65
N CYS A 217 22.68 -4.89 33.33
CA CYS A 217 23.60 -3.94 33.92
C CYS A 217 24.35 -3.18 32.84
N ALA A 218 25.35 -2.39 33.24
CA ALA A 218 26.09 -1.58 32.28
C ALA A 218 27.17 -2.37 31.54
N VAL A 219 27.43 -3.62 31.95
CA VAL A 219 28.44 -4.45 31.31
C VAL A 219 27.86 -5.73 30.74
N ASP A 220 26.57 -5.99 30.91
CA ASP A 220 25.96 -7.20 30.39
C ASP A 220 26.03 -7.22 28.87
N THR A 221 26.49 -8.34 28.32
CA THR A 221 26.67 -8.49 26.88
C THR A 221 25.68 -9.48 26.27
N GLU A 222 24.68 -9.93 27.03
CA GLU A 222 23.69 -10.87 26.53
C GLU A 222 22.36 -10.21 26.19
N ASN A 223 22.33 -8.88 26.12
CA ASN A 223 21.08 -8.20 25.82
C ASN A 223 20.59 -8.52 24.42
N ALA A 224 21.52 -8.61 23.46
CA ALA A 224 21.12 -8.87 22.07
C ALA A 224 20.46 -10.23 21.93
N ARG A 225 20.99 -11.25 22.62
CA ARG A 225 20.38 -12.57 22.57
C ARG A 225 19.05 -12.61 23.31
N ARG A 226 18.91 -11.83 24.39
CA ARG A 226 17.63 -11.75 25.08
C ARG A 226 16.56 -11.16 24.19
N ILE A 227 16.91 -10.15 23.39
CA ILE A 227 15.97 -9.61 22.41
C ILE A 227 15.64 -10.66 21.36
N PHE A 228 16.67 -11.38 20.89
CA PHE A 228 16.46 -12.41 19.87
C PHE A 228 15.55 -13.52 20.39
N ASN A 229 15.81 -13.99 21.61
CA ASN A 229 14.98 -15.05 22.19
C ASN A 229 13.56 -14.58 22.44
N ASP A 230 13.41 -13.34 22.92
CA ASP A 230 12.08 -12.79 23.16
C ASP A 230 11.32 -12.57 21.86
N CYS A 231 12.02 -12.14 20.80
CA CYS A 231 11.38 -11.94 19.52
C CYS A 231 10.87 -13.25 18.93
N LYS A 232 11.54 -14.37 19.22
CA LYS A 232 11.03 -15.67 18.79
C LYS A 232 9.68 -15.96 19.41
N ASP A 233 9.51 -15.64 20.70
CA ASP A 233 8.22 -15.82 21.34
C ASP A 233 7.19 -14.81 20.84
N ILE A 234 7.61 -13.59 20.52
CA ILE A 234 6.68 -12.60 19.99
C ILE A 234 6.15 -13.00 18.63
N ILE A 235 7.05 -13.46 17.74
CA ILE A 235 6.61 -13.91 16.42
C ILE A 235 5.79 -15.18 16.53
N LEU A 236 6.18 -16.10 17.41
CA LEU A 236 5.40 -17.32 17.61
C LEU A 236 4.00 -17.01 18.11
N GLN A 237 3.87 -16.07 19.05
CA GLN A 237 2.54 -15.68 19.51
C GLN A 237 1.73 -15.04 18.39
N MET A 238 2.40 -14.30 17.50
CA MET A 238 1.72 -13.73 16.35
C MET A 238 1.19 -14.81 15.43
N ASN A 239 1.99 -15.85 15.18
CA ASN A 239 1.55 -16.95 14.33
C ASN A 239 0.39 -17.70 14.96
N LEU A 240 0.43 -17.90 16.28
CA LEU A 240 -0.62 -18.66 16.95
C LEU A 240 -1.97 -17.96 16.86
N ARG A 241 -1.98 -16.63 16.89
CA ARG A 241 -3.23 -15.90 16.68
C ARG A 241 -3.73 -16.08 15.25
N GLU A 242 -2.81 -16.10 14.28
CA GLU A 242 -3.20 -16.34 12.90
C GLU A 242 -3.79 -17.73 12.72
N TYR A 243 -3.19 -18.73 13.36
CA TYR A 243 -3.67 -20.10 13.18
C TYR A 243 -4.98 -20.34 13.92
N ASN A 244 -5.21 -19.63 15.03
CA ASN A 244 -6.37 -19.84 15.87
C ASN A 244 -7.47 -18.80 15.67
N LEU A 245 -7.13 -17.52 15.61
CA LEU A 245 -8.15 -16.47 15.46
C LEU A 245 -8.50 -16.33 13.98
N VAL A 246 -9.21 -17.33 13.46
CA VAL A 246 -9.61 -17.31 12.06
C VAL A 246 -11.10 -17.06 11.96
N SER B 12 4.81 40.54 41.23
CA SER B 12 4.04 41.78 41.14
C SER B 12 3.67 42.08 39.69
N GLU B 13 4.67 42.40 38.87
CA GLU B 13 4.43 42.69 37.46
C GLU B 13 3.92 41.46 36.73
N LEU B 14 4.50 40.29 37.01
CA LEU B 14 4.05 39.07 36.35
C LEU B 14 2.61 38.73 36.76
N ASP B 15 2.29 38.85 38.04
CA ASP B 15 0.94 38.57 38.51
C ASP B 15 -0.07 39.53 37.90
N GLN B 16 0.29 40.82 37.81
CA GLN B 16 -0.61 41.80 37.22
C GLN B 16 -0.87 41.52 35.74
N LEU B 17 0.17 41.15 34.99
CA LEU B 17 0.00 40.92 33.57
C LEU B 17 -0.90 39.72 33.28
N ARG B 18 -0.73 38.62 34.03
CA ARG B 18 -1.56 37.45 33.78
C ARG B 18 -3.01 37.67 34.17
N GLN B 19 -3.28 38.66 35.04
CA GLN B 19 -4.67 39.02 35.32
C GLN B 19 -5.29 39.76 34.13
N GLU B 20 -4.49 40.58 33.44
CA GLU B 20 -5.00 41.29 32.27
C GLU B 20 -5.34 40.33 31.13
N ALA B 21 -4.58 39.23 31.01
CA ALA B 21 -4.89 38.24 29.98
C ALA B 21 -6.25 37.61 30.21
N GLU B 22 -6.58 37.30 31.47
CA GLU B 22 -7.90 36.75 31.79
C GLU B 22 -9.01 37.73 31.45
N GLN B 23 -8.79 39.02 31.74
CA GLN B 23 -9.78 40.03 31.37
C GLN B 23 -9.94 40.14 29.86
N LEU B 24 -8.83 40.04 29.12
CA LEU B 24 -8.91 40.08 27.67
C LEU B 24 -9.64 38.87 27.11
N LYS B 25 -9.42 37.69 27.69
CA LYS B 25 -10.13 36.50 27.24
C LYS B 25 -11.63 36.64 27.45
N ASN B 26 -12.05 37.20 28.59
CA ASN B 26 -13.47 37.46 28.81
C ASN B 26 -14.00 38.49 27.83
N GLN B 27 -13.18 39.48 27.48
CA GLN B 27 -13.60 40.48 26.50
C GLN B 27 -13.85 39.85 25.14
N ILE B 28 -12.96 38.94 24.72
CA ILE B 28 -13.15 38.26 23.44
C ILE B 28 -14.36 37.34 23.52
N ARG B 29 -14.52 36.61 24.63
CA ARG B 29 -15.65 35.71 24.78
C ARG B 29 -16.96 36.47 24.77
N ASP B 30 -17.01 37.63 25.44
CA ASP B 30 -18.20 38.47 25.39
C ASP B 30 -18.44 39.02 23.99
N ALA B 31 -17.36 39.38 23.28
CA ALA B 31 -17.51 39.90 21.93
C ALA B 31 -18.08 38.85 20.98
N ARG B 32 -17.60 37.61 21.10
CA ARG B 32 -18.14 36.53 20.27
C ARG B 32 -19.60 36.25 20.64
N LYS B 33 -19.93 36.28 21.93
CA LYS B 33 -21.31 36.06 22.35
C LYS B 33 -22.23 37.18 21.87
N ALA B 34 -21.70 38.40 21.74
CA ALA B 34 -22.51 39.52 21.27
C ALA B 34 -23.01 39.30 19.85
N CYS B 35 -22.16 38.77 18.97
CA CYS B 35 -22.53 38.55 17.58
C CYS B 35 -23.16 37.19 17.35
N ALA B 36 -23.36 36.38 18.39
CA ALA B 36 -24.02 35.09 18.26
C ALA B 36 -25.54 35.24 18.38
N ASP B 37 -26.09 36.09 17.48
CA ASP B 37 -27.51 36.37 17.50
C ASP B 37 -28.32 35.12 17.18
N ALA B 38 -27.88 34.34 16.20
CA ALA B 38 -28.60 33.16 15.74
C ALA B 38 -27.63 31.98 15.66
N THR B 39 -28.18 30.81 15.32
CA THR B 39 -27.39 29.61 15.12
C THR B 39 -27.47 29.17 13.67
N LEU B 40 -26.37 28.60 13.17
CA LEU B 40 -26.36 28.05 11.81
C LEU B 40 -27.44 26.99 11.65
N SER B 41 -27.71 26.22 12.70
CA SER B 41 -28.77 25.22 12.63
C SER B 41 -30.13 25.86 12.38
N GLN B 42 -30.41 26.98 13.07
CA GLN B 42 -31.66 27.68 12.86
C GLN B 42 -31.74 28.27 11.46
N ILE B 43 -30.62 28.79 10.95
CA ILE B 43 -30.63 29.43 9.64
C ILE B 43 -30.91 28.41 8.54
N THR B 44 -30.31 27.22 8.64
CA THR B 44 -30.40 26.22 7.59
C THR B 44 -31.47 25.17 7.88
N ASN B 45 -32.41 25.46 8.79
CA ASN B 45 -33.47 24.51 9.08
C ASN B 45 -34.43 24.38 7.90
N ASN B 46 -34.70 25.47 7.19
CA ASN B 46 -35.70 25.45 6.13
C ASN B 46 -35.23 24.67 4.91
N ILE B 47 -33.93 24.72 4.60
CA ILE B 47 -33.43 24.10 3.38
C ILE B 47 -33.59 22.59 3.46
N ASP B 48 -33.80 21.97 2.30
CA ASP B 48 -33.99 20.53 2.24
C ASP B 48 -32.67 19.80 2.48
N PRO B 49 -32.72 18.61 3.04
CA PRO B 49 -31.49 17.83 3.25
C PRO B 49 -30.93 17.33 1.94
N VAL B 50 -29.64 16.97 1.97
CA VAL B 50 -28.99 16.42 0.79
C VAL B 50 -29.42 15.00 0.48
N GLY B 51 -30.20 14.37 1.34
CA GLY B 51 -30.59 12.99 1.13
C GLY B 51 -29.47 12.04 1.52
N ARG B 52 -29.56 10.83 0.98
CA ARG B 52 -28.53 9.82 1.20
C ARG B 52 -27.48 9.92 0.10
N ILE B 53 -26.22 10.02 0.51
CA ILE B 53 -25.09 10.12 -0.40
C ILE B 53 -24.50 8.72 -0.54
N GLN B 54 -24.63 8.13 -1.74
CA GLN B 54 -24.11 6.80 -2.02
C GLN B 54 -22.92 6.93 -2.97
N MET B 55 -21.76 6.46 -2.51
CA MET B 55 -20.54 6.46 -3.31
C MET B 55 -19.99 5.06 -3.41
N ARG B 56 -19.55 4.68 -4.60
CA ARG B 56 -18.96 3.37 -4.85
C ARG B 56 -17.45 3.50 -5.06
N THR B 57 -16.73 2.44 -4.75
CA THR B 57 -15.29 2.38 -4.99
C THR B 57 -15.06 2.16 -6.48
N ARG B 58 -14.69 3.23 -7.18
CA ARG B 58 -14.38 3.11 -8.60
C ARG B 58 -12.99 2.50 -8.83
N ARG B 59 -12.01 2.87 -8.01
CA ARG B 59 -10.64 2.42 -8.16
C ARG B 59 -10.09 1.98 -6.82
N THR B 60 -9.20 0.98 -6.87
CA THR B 60 -8.39 0.59 -5.72
C THR B 60 -6.93 0.67 -6.13
N LEU B 61 -6.16 1.50 -5.44
CA LEU B 61 -4.75 1.69 -5.74
C LEU B 61 -3.92 0.76 -4.86
N ARG B 62 -3.29 -0.23 -5.48
CA ARG B 62 -2.50 -1.23 -4.79
C ARG B 62 -1.03 -1.08 -5.14
N GLY B 63 -0.17 -1.39 -4.17
CA GLY B 63 1.26 -1.29 -4.38
C GLY B 63 2.04 -0.80 -3.18
N HIS B 64 1.42 0.03 -2.34
CA HIS B 64 2.00 0.33 -1.04
C HIS B 64 1.99 -0.91 -0.16
N LEU B 65 3.11 -1.16 0.52
CA LEU B 65 3.27 -2.34 1.35
C LEU B 65 3.30 -2.02 2.84
N ALA B 66 2.85 -0.83 3.23
CA ALA B 66 2.80 -0.45 4.63
C ALA B 66 1.67 0.55 4.81
N LYS B 67 1.53 1.07 6.04
CA LYS B 67 0.51 2.06 6.33
C LYS B 67 0.68 3.30 5.46
N ILE B 68 -0.40 3.70 4.81
CA ILE B 68 -0.45 4.97 4.09
C ILE B 68 -0.74 6.08 5.09
N TYR B 69 0.07 7.14 5.07
CA TYR B 69 -0.06 8.23 6.02
C TYR B 69 -0.60 9.52 5.42
N ALA B 70 -0.46 9.72 4.10
CA ALA B 70 -0.90 10.97 3.50
C ALA B 70 -1.17 10.75 2.02
N MET B 71 -2.05 11.59 1.46
CA MET B 71 -2.27 11.64 0.03
C MET B 71 -2.61 13.07 -0.34
N HIS B 72 -2.34 13.43 -1.60
CA HIS B 72 -2.73 14.74 -2.09
C HIS B 72 -2.99 14.67 -3.59
N TRP B 73 -4.15 15.17 -4.00
CA TRP B 73 -4.49 15.26 -5.42
C TRP B 73 -3.67 16.35 -6.10
N GLY B 74 -3.31 16.10 -7.35
CA GLY B 74 -2.85 17.16 -8.21
C GLY B 74 -4.00 18.03 -8.72
N THR B 75 -3.66 19.20 -9.25
CA THR B 75 -4.67 20.16 -9.65
C THR B 75 -5.41 19.74 -10.92
N ASP B 76 -4.89 18.77 -11.67
CA ASP B 76 -5.57 18.27 -12.85
C ASP B 76 -6.66 17.26 -12.51
N SER B 77 -6.86 16.96 -11.23
CA SER B 77 -7.90 16.05 -10.76
C SER B 77 -7.70 14.63 -11.27
N ARG B 78 -6.52 14.31 -11.78
CA ARG B 78 -6.22 12.98 -12.28
C ARG B 78 -5.01 12.35 -11.61
N LEU B 79 -3.95 13.11 -11.37
CA LEU B 79 -2.77 12.60 -10.70
C LEU B 79 -2.84 12.88 -9.20
N LEU B 80 -2.37 11.93 -8.41
CA LEU B 80 -2.29 12.10 -6.97
C LEU B 80 -1.00 11.46 -6.46
N VAL B 81 -0.52 11.97 -5.33
CA VAL B 81 0.68 11.45 -4.68
C VAL B 81 0.27 10.92 -3.32
N SER B 82 0.78 9.74 -2.97
CA SER B 82 0.51 9.14 -1.67
C SER B 82 1.83 8.76 -1.01
N ALA B 83 1.84 8.86 0.32
CA ALA B 83 3.02 8.53 1.12
C ALA B 83 2.69 7.37 2.04
N SER B 84 3.60 6.41 2.12
CA SER B 84 3.48 5.26 3.00
C SER B 84 4.77 5.08 3.77
N GLN B 85 4.68 4.38 4.90
CA GLN B 85 5.84 4.13 5.73
C GLN B 85 6.60 2.87 5.31
N ASP B 86 6.44 2.44 4.07
CA ASP B 86 7.39 1.56 3.41
C ASP B 86 8.52 2.35 2.75
N GLY B 87 8.61 3.65 3.00
CA GLY B 87 9.63 4.46 2.38
C GLY B 87 9.42 4.74 0.92
N LYS B 88 8.17 4.76 0.46
CA LYS B 88 7.85 4.92 -0.95
C LYS B 88 6.87 6.07 -1.14
N LEU B 89 7.23 7.03 -1.98
CA LEU B 89 6.30 8.01 -2.52
C LEU B 89 5.85 7.51 -3.89
N ILE B 90 4.54 7.37 -4.08
CA ILE B 90 3.98 6.89 -5.33
C ILE B 90 3.07 7.96 -5.92
N ILE B 91 3.23 8.22 -7.21
CA ILE B 91 2.35 9.10 -7.97
C ILE B 91 1.45 8.23 -8.85
N TRP B 92 0.15 8.38 -8.71
CA TRP B 92 -0.81 7.50 -9.35
C TRP B 92 -1.54 8.24 -10.48
N ASP B 93 -1.78 7.52 -11.57
CA ASP B 93 -2.76 7.92 -12.57
C ASP B 93 -4.09 7.32 -12.16
N SER B 94 -4.97 8.14 -11.59
CA SER B 94 -6.18 7.60 -10.99
C SER B 94 -7.14 7.04 -12.04
N TYR B 95 -7.09 7.55 -13.27
CA TYR B 95 -8.00 7.07 -14.30
C TYR B 95 -7.69 5.62 -14.69
N THR B 96 -6.40 5.27 -14.77
CA THR B 96 -5.98 3.96 -15.23
C THR B 96 -5.40 3.09 -14.12
N THR B 97 -5.22 3.64 -12.91
CA THR B 97 -4.50 3.03 -11.79
C THR B 97 -3.03 2.76 -12.11
N ASN B 98 -2.51 3.30 -13.20
CA ASN B 98 -1.09 3.15 -13.50
C ASN B 98 -0.25 3.95 -12.49
N LYS B 99 0.89 3.38 -12.13
CA LYS B 99 1.88 4.08 -11.31
C LYS B 99 2.78 4.91 -12.22
N VAL B 100 2.77 6.23 -12.03
CA VAL B 100 3.58 7.10 -12.86
C VAL B 100 5.01 7.16 -12.33
N HIS B 101 5.17 7.27 -11.02
CA HIS B 101 6.50 7.31 -10.40
C HIS B 101 6.45 6.54 -9.09
N ALA B 102 7.63 6.10 -8.66
CA ALA B 102 7.82 5.54 -7.32
C ALA B 102 9.12 6.12 -6.76
N ILE B 103 8.99 7.03 -5.79
CA ILE B 103 10.13 7.78 -5.26
C ILE B 103 10.57 7.10 -3.96
N PRO B 104 11.76 6.51 -3.90
CA PRO B 104 12.24 5.95 -2.63
C PRO B 104 12.68 7.06 -1.69
N LEU B 105 12.15 7.03 -0.48
CA LEU B 105 12.44 8.06 0.51
C LEU B 105 13.67 7.69 1.32
N ARG B 106 14.50 8.68 1.61
CA ARG B 106 15.68 8.45 2.45
C ARG B 106 15.28 8.03 3.86
N SER B 107 14.24 8.64 4.40
CA SER B 107 13.67 8.25 5.68
C SER B 107 12.27 7.69 5.45
N SER B 108 12.03 6.47 5.95
CA SER B 108 10.76 5.79 5.68
C SER B 108 9.64 6.27 6.59
N TRP B 109 9.93 7.08 7.60
CA TRP B 109 8.93 7.48 8.59
C TRP B 109 8.18 8.74 8.14
N VAL B 110 7.66 8.71 6.92
CA VAL B 110 7.01 9.86 6.33
C VAL B 110 5.61 10.03 6.94
N MET B 111 5.23 11.28 7.18
CA MET B 111 3.93 11.59 7.75
C MET B 111 3.07 12.48 6.88
N THR B 112 3.64 13.19 5.92
CA THR B 112 2.89 14.11 5.08
C THR B 112 3.45 14.09 3.66
N CYS B 113 2.60 14.48 2.71
CA CYS B 113 3.03 14.66 1.33
C CYS B 113 2.18 15.75 0.69
N ALA B 114 2.77 16.46 -0.25
CA ALA B 114 2.09 17.54 -0.95
C ALA B 114 2.41 17.50 -2.43
N TYR B 115 1.41 17.80 -3.26
CA TYR B 115 1.58 17.94 -4.70
C TYR B 115 1.55 19.43 -5.04
N ALA B 116 2.57 19.88 -5.75
CA ALA B 116 2.63 21.29 -6.13
C ALA B 116 1.50 21.62 -7.09
N PRO B 117 0.90 22.81 -7.00
CA PRO B 117 -0.17 23.17 -7.94
C PRO B 117 0.26 23.18 -9.39
N SER B 118 1.55 23.46 -9.66
CA SER B 118 2.04 23.38 -11.03
C SER B 118 2.18 21.94 -11.51
N GLY B 119 2.32 20.99 -10.59
CA GLY B 119 2.53 19.60 -10.95
C GLY B 119 3.98 19.21 -11.18
N ASN B 120 4.91 20.15 -11.02
CA ASN B 120 6.32 19.89 -11.27
C ASN B 120 7.07 19.38 -10.06
N TYR B 121 6.49 19.49 -8.85
CA TYR B 121 7.20 19.13 -7.63
C TYR B 121 6.26 18.38 -6.70
N VAL B 122 6.86 17.53 -5.87
CA VAL B 122 6.17 16.93 -4.73
C VAL B 122 7.05 17.10 -3.50
N ALA B 123 6.42 17.10 -2.34
CA ALA B 123 7.11 17.30 -1.06
C ALA B 123 6.64 16.24 -0.08
N CYS B 124 7.52 15.91 0.87
CA CYS B 124 7.20 14.95 1.90
C CYS B 124 8.14 15.16 3.08
N GLY B 125 7.78 14.57 4.21
CA GLY B 125 8.60 14.63 5.40
C GLY B 125 7.93 14.01 6.61
N GLY B 126 8.73 13.55 7.56
CA GLY B 126 8.19 12.91 8.74
C GLY B 126 9.03 13.13 9.99
N LEU B 127 9.35 12.03 10.67
CA LEU B 127 10.15 12.04 11.88
C LEU B 127 11.59 12.51 11.65
N ASP B 128 12.02 12.66 10.41
CA ASP B 128 13.36 13.16 10.13
C ASP B 128 13.47 14.68 10.24
N ASN B 129 12.38 15.37 10.52
CA ASN B 129 12.35 16.82 10.73
C ASN B 129 12.73 17.59 9.47
N ILE B 130 12.58 16.97 8.30
CA ILE B 130 13.02 17.54 7.03
C ILE B 130 11.84 17.52 6.07
N CYS B 131 11.68 18.61 5.31
CA CYS B 131 10.75 18.65 4.18
C CYS B 131 11.57 18.55 2.90
N SER B 132 11.44 17.42 2.21
CA SER B 132 12.21 17.15 1.00
C SER B 132 11.39 17.48 -0.22
N ILE B 133 11.98 18.23 -1.15
CA ILE B 133 11.34 18.62 -2.40
C ILE B 133 11.90 17.74 -3.51
N TYR B 134 11.01 17.14 -4.30
CA TYR B 134 11.39 16.25 -5.38
C TYR B 134 10.97 16.85 -6.71
N ASN B 135 11.90 16.88 -7.66
CA ASN B 135 11.64 17.42 -8.99
C ASN B 135 11.12 16.29 -9.88
N LEU B 136 9.91 16.47 -10.42
CA LEU B 136 9.28 15.48 -11.27
C LEU B 136 9.61 15.64 -12.74
N LYS B 137 10.06 16.82 -13.16
CA LYS B 137 10.34 17.11 -14.56
C LYS B 137 11.82 17.38 -14.72
N THR B 138 12.60 16.33 -14.94
CA THR B 138 14.03 16.43 -15.18
C THR B 138 14.37 15.86 -16.54
N ARG B 139 15.44 16.41 -17.14
CA ARG B 139 15.93 15.88 -18.40
C ARG B 139 16.50 14.47 -18.28
N GLU B 140 16.85 14.04 -17.06
CA GLU B 140 17.41 12.71 -16.85
C GLU B 140 16.35 11.63 -16.80
N GLY B 141 15.07 11.98 -16.70
CA GLY B 141 14.01 11.00 -16.72
C GLY B 141 13.71 10.36 -15.38
N ASN B 142 14.34 10.82 -14.30
CA ASN B 142 14.10 10.29 -12.98
C ASN B 142 13.76 11.42 -12.02
N VAL B 143 13.09 11.07 -10.93
CA VAL B 143 12.78 12.01 -9.86
C VAL B 143 13.99 12.12 -8.93
N ARG B 144 14.41 13.36 -8.68
CA ARG B 144 15.53 13.62 -7.78
C ARG B 144 15.11 14.61 -6.71
N VAL B 145 15.77 14.52 -5.56
CA VAL B 145 15.59 15.52 -4.51
C VAL B 145 16.18 16.85 -4.98
N SER B 146 15.36 17.90 -4.94
CA SER B 146 15.82 19.24 -5.29
C SER B 146 16.15 20.10 -4.06
N ARG B 147 15.47 19.87 -2.94
CA ARG B 147 15.72 20.64 -1.73
C ARG B 147 15.37 19.81 -0.51
N GLU B 148 16.14 20.00 0.56
CA GLU B 148 15.81 19.46 1.88
C GLU B 148 15.71 20.63 2.84
N LEU B 149 14.51 20.91 3.32
CA LEU B 149 14.24 22.07 4.16
C LEU B 149 14.46 21.69 5.62
N ALA B 150 15.59 22.12 6.18
CA ALA B 150 15.93 21.88 7.56
C ALA B 150 15.70 23.14 8.40
N GLY B 151 15.42 22.95 9.68
CA GLY B 151 15.12 24.07 10.55
C GLY B 151 14.08 23.77 11.61
N HIS B 152 13.16 22.86 11.33
CA HIS B 152 12.22 22.41 12.34
C HIS B 152 12.91 21.51 13.36
N THR B 153 12.54 21.67 14.62
CA THR B 153 13.08 20.83 15.69
C THR B 153 12.11 19.74 16.11
N GLY B 154 11.04 19.51 15.35
CA GLY B 154 10.13 18.41 15.59
C GLY B 154 9.75 17.75 14.28
N TYR B 155 8.96 16.69 14.38
CA TYR B 155 8.55 15.95 13.21
C TYR B 155 7.68 16.82 12.29
N LEU B 156 7.76 16.54 10.99
CA LEU B 156 6.94 17.25 10.02
C LEU B 156 5.57 16.60 9.93
N SER B 157 4.52 17.36 10.23
CA SER B 157 3.16 16.83 10.24
C SER B 157 2.37 17.17 8.99
N CYS B 158 2.61 18.33 8.38
CA CYS B 158 1.90 18.70 7.17
C CYS B 158 2.72 19.70 6.37
N CYS B 159 2.49 19.72 5.06
CA CYS B 159 3.16 20.64 4.16
C CYS B 159 2.24 20.94 2.99
N ARG B 160 2.27 22.19 2.52
CA ARG B 160 1.44 22.61 1.39
C ARG B 160 2.21 23.64 0.58
N PHE B 161 2.26 23.45 -0.73
CA PHE B 161 2.88 24.42 -1.62
C PHE B 161 2.01 25.65 -1.78
N LEU B 162 2.64 26.83 -1.77
CA LEU B 162 2.00 28.05 -2.25
C LEU B 162 2.25 28.24 -3.74
N ASP B 163 3.48 27.94 -4.17
CA ASP B 163 3.88 27.94 -5.57
C ASP B 163 5.11 27.05 -5.68
N ASP B 164 5.80 27.13 -6.81
CA ASP B 164 6.99 26.29 -6.99
C ASP B 164 8.14 26.72 -6.09
N ASN B 165 8.09 27.93 -5.52
CA ASN B 165 9.19 28.44 -4.72
C ASN B 165 8.85 28.61 -3.24
N GLN B 166 7.57 28.56 -2.86
CA GLN B 166 7.15 28.74 -1.48
C GLN B 166 6.35 27.53 -1.01
N ILE B 167 6.59 27.11 0.22
CA ILE B 167 5.84 26.03 0.84
C ILE B 167 5.69 26.33 2.33
N VAL B 168 4.55 25.95 2.90
CA VAL B 168 4.28 26.10 4.32
C VAL B 168 4.32 24.72 4.95
N THR B 169 5.04 24.59 6.06
CA THR B 169 5.16 23.34 6.79
C THR B 169 4.72 23.54 8.24
N SER B 170 4.03 22.55 8.79
CA SER B 170 3.73 22.49 10.21
C SER B 170 4.51 21.35 10.84
N SER B 171 4.98 21.58 12.07
CA SER B 171 5.88 20.65 12.74
C SER B 171 5.35 20.33 14.13
N GLY B 172 5.93 19.29 14.73
CA GLY B 172 5.67 18.94 16.11
C GLY B 172 6.40 19.77 17.13
N ASP B 173 7.22 20.71 16.70
CA ASP B 173 7.87 21.66 17.60
C ASP B 173 7.01 22.89 17.88
N THR B 174 5.70 22.79 17.66
CA THR B 174 4.68 23.79 17.98
C THR B 174 4.71 25.00 17.05
N THR B 175 5.50 24.97 15.98
CA THR B 175 5.62 26.11 15.09
C THR B 175 5.34 25.70 13.65
N CYS B 176 4.83 26.65 12.87
CA CYS B 176 4.75 26.54 11.42
C CYS B 176 5.76 27.48 10.79
N ALA B 177 6.21 27.12 9.59
CA ALA B 177 7.20 27.93 8.89
C ALA B 177 6.82 28.10 7.42
N LEU B 178 7.15 29.26 6.88
CA LEU B 178 7.08 29.52 5.45
C LEU B 178 8.49 29.50 4.87
N TRP B 179 8.68 28.74 3.81
CA TRP B 179 10.00 28.47 3.26
C TRP B 179 10.16 29.09 1.88
N ASP B 180 11.36 29.58 1.60
CA ASP B 180 11.78 29.91 0.24
C ASP B 180 12.58 28.72 -0.27
N ILE B 181 12.01 27.99 -1.23
CA ILE B 181 12.60 26.73 -1.66
C ILE B 181 13.94 26.95 -2.34
N GLU B 182 14.06 28.02 -3.13
CA GLU B 182 15.29 28.24 -3.87
C GLU B 182 16.48 28.49 -2.94
N THR B 183 16.28 29.27 -1.89
CA THR B 183 17.36 29.53 -0.94
C THR B 183 17.41 28.53 0.20
N GLY B 184 16.38 27.72 0.39
CA GLY B 184 16.39 26.71 1.43
C GLY B 184 16.20 27.23 2.84
N GLN B 185 15.84 28.50 3.00
CA GLN B 185 15.69 29.11 4.31
C GLN B 185 14.23 29.42 4.58
N GLN B 186 13.85 29.34 5.86
CA GLN B 186 12.50 29.69 6.27
C GLN B 186 12.40 31.19 6.45
N THR B 187 11.65 31.85 5.58
CA THR B 187 11.54 33.30 5.64
C THR B 187 10.72 33.76 6.84
N THR B 188 9.64 33.03 7.16
CA THR B 188 8.76 33.39 8.26
C THR B 188 8.53 32.18 9.15
N THR B 189 8.49 32.41 10.46
CA THR B 189 8.16 31.40 11.45
C THR B 189 6.89 31.80 12.17
N PHE B 190 5.94 30.88 12.25
CA PHE B 190 4.64 31.13 12.85
C PHE B 190 4.61 30.45 14.21
N THR B 191 4.70 31.24 15.28
CA THR B 191 4.74 30.74 16.64
C THR B 191 3.49 31.16 17.40
N GLY B 192 3.13 30.36 18.41
CA GLY B 192 1.98 30.66 19.24
C GLY B 192 1.21 29.44 19.70
N HIS B 193 1.36 28.33 19.00
CA HIS B 193 0.78 27.08 19.45
C HIS B 193 1.58 26.51 20.62
N THR B 194 0.88 26.00 21.62
CA THR B 194 1.53 25.38 22.77
C THR B 194 1.63 23.87 22.65
N GLY B 195 1.14 23.27 21.56
CA GLY B 195 1.28 21.86 21.33
C GLY B 195 1.74 21.58 19.91
N ASP B 196 1.90 20.29 19.63
CA ASP B 196 2.33 19.86 18.30
C ASP B 196 1.27 20.22 17.26
N VAL B 197 1.67 20.99 16.25
CA VAL B 197 0.78 21.32 15.15
C VAL B 197 0.66 20.11 14.23
N MET B 198 -0.56 19.62 14.05
CA MET B 198 -0.78 18.37 13.33
C MET B 198 -1.22 18.54 11.88
N SER B 199 -1.78 19.69 11.53
CA SER B 199 -2.30 19.88 10.19
C SER B 199 -2.34 21.37 9.87
N LEU B 200 -2.44 21.68 8.58
CA LEU B 200 -2.68 23.03 8.11
C LEU B 200 -3.47 22.98 6.82
N SER B 201 -4.21 24.05 6.54
CA SER B 201 -4.93 24.20 5.30
C SER B 201 -4.73 25.60 4.75
N LEU B 202 -4.49 25.69 3.44
CA LEU B 202 -4.29 26.97 2.78
C LEU B 202 -5.61 27.54 2.28
N ALA B 203 -5.77 28.86 2.41
CA ALA B 203 -6.89 29.54 1.81
C ALA B 203 -6.74 29.55 0.28
N PRO B 204 -7.86 29.61 -0.45
CA PRO B 204 -7.76 29.56 -1.92
C PRO B 204 -6.88 30.63 -2.52
N ASP B 205 -6.83 31.82 -1.93
CA ASP B 205 -5.96 32.89 -2.39
C ASP B 205 -4.54 32.80 -1.83
N THR B 206 -4.29 31.82 -0.96
CA THR B 206 -2.96 31.58 -0.38
C THR B 206 -2.42 32.80 0.36
N ARG B 207 -3.31 33.64 0.89
CA ARG B 207 -2.90 34.73 1.76
C ARG B 207 -3.03 34.41 3.24
N LEU B 208 -3.84 33.41 3.58
CA LEU B 208 -4.03 32.98 4.96
C LEU B 208 -3.95 31.46 5.02
N PHE B 209 -3.67 30.94 6.21
CA PHE B 209 -3.79 29.51 6.45
C PHE B 209 -4.13 29.27 7.91
N VAL B 210 -4.91 28.22 8.15
CA VAL B 210 -5.28 27.79 9.49
C VAL B 210 -4.47 26.55 9.84
N SER B 211 -4.14 26.41 11.12
CA SER B 211 -3.43 25.24 11.62
C SER B 211 -4.09 24.73 12.89
N GLY B 212 -4.16 23.41 13.02
CA GLY B 212 -4.69 22.76 14.21
C GLY B 212 -3.58 22.00 14.94
N ALA B 213 -3.55 22.18 16.25
CA ALA B 213 -2.51 21.60 17.09
C ALA B 213 -3.13 20.68 18.13
N CYS B 214 -2.27 20.14 18.99
CA CYS B 214 -2.71 19.27 20.09
C CYS B 214 -3.12 20.04 21.33
N ASP B 215 -3.03 21.36 21.31
CA ASP B 215 -3.63 22.20 22.35
C ASP B 215 -5.10 22.48 22.11
N ALA B 216 -5.74 21.71 21.22
CA ALA B 216 -7.18 21.80 20.96
C ALA B 216 -7.59 23.18 20.43
N SER B 217 -6.67 23.87 19.76
CA SER B 217 -6.95 25.21 19.25
C SER B 217 -6.52 25.32 17.80
N ALA B 218 -7.24 26.17 17.06
CA ALA B 218 -6.95 26.45 15.66
C ALA B 218 -6.61 27.92 15.51
N LYS B 219 -5.46 28.21 14.90
CA LYS B 219 -4.99 29.57 14.71
C LYS B 219 -4.99 29.95 13.24
N LEU B 220 -5.44 31.17 12.96
CA LEU B 220 -5.44 31.72 11.61
C LEU B 220 -4.22 32.62 11.44
N TRP B 221 -3.39 32.33 10.45
CA TRP B 221 -2.13 33.01 10.25
C TRP B 221 -2.16 33.83 8.97
N ASP B 222 -1.55 35.00 9.00
CA ASP B 222 -1.32 35.80 7.80
C ASP B 222 0.04 35.43 7.22
N VAL B 223 0.04 35.02 5.95
CA VAL B 223 1.28 34.54 5.33
C VAL B 223 2.29 35.67 5.20
N ARG B 224 1.85 36.81 4.66
CA ARG B 224 2.79 37.91 4.41
C ARG B 224 3.22 38.57 5.71
N GLU B 225 2.26 38.86 6.60
CA GLU B 225 2.59 39.57 7.82
C GLU B 225 3.29 38.66 8.82
N GLY B 226 2.87 37.40 8.90
CA GLY B 226 3.56 36.42 9.72
C GLY B 226 3.10 36.34 11.16
N MET B 227 1.92 36.86 11.49
CA MET B 227 1.39 36.79 12.84
C MET B 227 0.04 36.08 12.85
N CYS B 228 -0.37 35.68 14.06
CA CYS B 228 -1.67 35.03 14.25
C CYS B 228 -2.77 36.08 14.31
N ARG B 229 -3.76 35.97 13.43
CA ARG B 229 -4.87 36.90 13.43
C ARG B 229 -5.94 36.52 14.45
N GLN B 230 -6.35 35.25 14.45
CA GLN B 230 -7.42 34.79 15.33
C GLN B 230 -7.08 33.40 15.86
N THR B 231 -7.63 33.09 17.04
CA THR B 231 -7.48 31.80 17.68
C THR B 231 -8.86 31.20 17.91
N PHE B 232 -9.03 29.93 17.52
CA PHE B 232 -10.32 29.25 17.63
C PHE B 232 -10.19 28.08 18.59
N THR B 233 -11.00 28.09 19.64
CA THR B 233 -11.04 27.01 20.62
C THR B 233 -12.44 26.41 20.67
N GLY B 234 -12.56 25.30 21.39
CA GLY B 234 -13.82 24.60 21.49
C GLY B 234 -13.70 23.09 21.48
N HIS B 235 -12.63 22.58 20.87
CA HIS B 235 -12.35 21.16 20.94
C HIS B 235 -11.86 20.77 22.32
N GLU B 236 -12.06 19.50 22.68
CA GLU B 236 -11.65 18.98 23.97
C GLU B 236 -10.40 18.12 23.91
N SER B 237 -9.90 17.81 22.72
CA SER B 237 -8.70 16.98 22.57
C SER B 237 -7.91 17.48 21.38
N ASP B 238 -6.83 16.77 21.07
CA ASP B 238 -5.92 17.17 20.00
C ASP B 238 -6.65 17.28 18.68
N ILE B 239 -6.36 18.34 17.94
CA ILE B 239 -6.88 18.50 16.59
C ILE B 239 -5.95 17.77 15.62
N ASN B 240 -6.53 16.89 14.81
CA ASN B 240 -5.75 16.10 13.87
C ASN B 240 -5.91 16.54 12.42
N ALA B 241 -6.98 17.24 12.08
CA ALA B 241 -7.28 17.57 10.70
C ALA B 241 -7.93 18.94 10.62
N ILE B 242 -7.75 19.59 9.48
CA ILE B 242 -8.28 20.93 9.26
C ILE B 242 -8.41 21.15 7.77
N CYS B 243 -9.45 21.88 7.37
CA CYS B 243 -9.73 22.09 5.95
C CYS B 243 -10.51 23.39 5.77
N PHE B 244 -10.06 24.24 4.87
CA PHE B 244 -10.75 25.48 4.58
C PHE B 244 -12.04 25.24 3.80
N PHE B 245 -13.03 26.06 4.08
CA PHE B 245 -14.24 26.09 3.26
C PHE B 245 -13.88 26.64 1.87
N PRO B 246 -14.57 26.17 0.83
CA PRO B 246 -14.16 26.53 -0.54
C PRO B 246 -14.12 28.02 -0.82
N ASN B 247 -14.90 28.84 -0.11
CA ASN B 247 -14.85 30.28 -0.31
C ASN B 247 -13.83 30.97 0.58
N GLY B 248 -13.20 30.25 1.50
CA GLY B 248 -12.18 30.82 2.35
C GLY B 248 -12.66 31.55 3.57
N ASN B 249 -13.97 31.62 3.80
CA ASN B 249 -14.52 32.34 4.95
C ASN B 249 -14.82 31.44 6.14
N ALA B 250 -14.50 30.15 6.04
CA ALA B 250 -14.74 29.21 7.14
C ALA B 250 -13.77 28.06 7.00
N PHE B 251 -13.66 27.26 8.06
CA PHE B 251 -12.87 26.04 8.02
C PHE B 251 -13.47 25.03 8.99
N ALA B 252 -13.18 23.76 8.73
CA ALA B 252 -13.63 22.66 9.58
C ALA B 252 -12.42 21.94 10.15
N THR B 253 -12.56 21.46 11.38
CA THR B 253 -11.50 20.74 12.07
C THR B 253 -11.99 19.36 12.48
N GLY B 254 -11.04 18.46 12.70
CA GLY B 254 -11.33 17.16 13.25
C GLY B 254 -10.41 16.83 14.40
N SER B 255 -10.95 16.37 15.51
CA SER B 255 -10.19 16.13 16.72
C SER B 255 -10.34 14.68 17.17
N ASP B 256 -9.63 14.35 18.24
CA ASP B 256 -9.73 13.03 18.87
C ASP B 256 -10.99 12.86 19.70
N ASP B 257 -11.76 13.92 19.93
CA ASP B 257 -12.99 13.84 20.70
C ASP B 257 -14.20 13.42 19.86
N ALA B 258 -13.96 12.84 18.69
CA ALA B 258 -15.01 12.29 17.83
C ALA B 258 -15.97 13.36 17.34
N THR B 259 -15.51 14.60 17.21
CA THR B 259 -16.34 15.70 16.76
C THR B 259 -15.64 16.49 15.66
N CYS B 260 -16.45 17.06 14.77
CA CYS B 260 -15.99 18.03 13.79
C CYS B 260 -16.70 19.34 14.05
N ARG B 261 -15.95 20.44 14.00
CA ARG B 261 -16.49 21.77 14.27
C ARG B 261 -16.23 22.69 13.08
N LEU B 262 -17.22 23.51 12.76
CA LEU B 262 -17.12 24.49 11.69
C LEU B 262 -16.95 25.87 12.30
N PHE B 263 -15.77 26.46 12.12
CA PHE B 263 -15.48 27.79 12.62
C PHE B 263 -15.61 28.81 11.48
N ASP B 264 -16.07 30.00 11.83
CA ASP B 264 -16.20 31.11 10.89
C ASP B 264 -15.10 32.13 11.16
N LEU B 265 -14.46 32.59 10.10
CA LEU B 265 -13.39 33.57 10.26
C LEU B 265 -13.95 34.92 10.69
N ARG B 266 -15.00 35.40 10.01
CA ARG B 266 -15.51 36.74 10.27
C ARG B 266 -16.32 36.80 11.56
N ALA B 267 -17.11 35.75 11.84
CA ALA B 267 -17.80 35.67 13.11
C ALA B 267 -16.90 35.25 14.27
N ASP B 268 -15.71 34.73 13.96
CA ASP B 268 -14.67 34.44 14.95
C ASP B 268 -15.16 33.47 16.03
N GLN B 269 -15.92 32.46 15.61
CA GLN B 269 -16.44 31.50 16.57
C GLN B 269 -16.91 30.25 15.83
N GLU B 270 -17.16 29.20 16.61
CA GLU B 270 -17.70 27.95 16.06
C GLU B 270 -19.15 28.15 15.65
N LEU B 271 -19.53 27.52 14.54
CA LEU B 271 -20.89 27.61 14.03
C LEU B 271 -21.67 26.31 14.14
N MET B 272 -21.01 25.16 14.07
CA MET B 272 -21.72 23.90 14.03
C MET B 272 -20.78 22.77 14.42
N THR B 273 -21.34 21.76 15.09
CA THR B 273 -20.59 20.58 15.50
C THR B 273 -21.16 19.36 14.80
N TYR B 274 -20.28 18.49 14.32
CA TYR B 274 -20.65 17.29 13.57
C TYR B 274 -20.19 16.07 14.39
N SER B 275 -21.08 15.55 15.21
CA SER B 275 -20.78 14.38 16.03
C SER B 275 -22.03 13.51 16.17
N HIS B 276 -21.80 12.23 16.45
CA HIS B 276 -22.87 11.27 16.65
C HIS B 276 -22.57 10.45 17.90
N ASP B 277 -23.63 9.93 18.52
CA ASP B 277 -23.46 9.17 19.75
C ASP B 277 -22.74 7.84 19.50
N ASN B 278 -22.98 7.21 18.35
CA ASN B 278 -22.28 5.97 18.03
C ASN B 278 -20.79 6.21 17.81
N ILE B 279 -20.41 7.40 17.35
CA ILE B 279 -19.02 7.69 17.01
C ILE B 279 -18.27 8.04 18.29
N ILE B 280 -17.27 7.22 18.62
CA ILE B 280 -16.48 7.43 19.84
C ILE B 280 -15.00 7.40 19.49
N CYS B 281 -14.68 7.35 18.21
CA CYS B 281 -13.30 7.25 17.76
C CYS B 281 -12.80 8.59 17.25
N GLY B 282 -11.48 8.72 17.19
CA GLY B 282 -10.88 9.95 16.73
C GLY B 282 -11.04 10.16 15.24
N ILE B 283 -10.88 11.42 14.83
CA ILE B 283 -10.99 11.82 13.43
C ILE B 283 -9.59 12.11 12.91
N THR B 284 -9.29 11.61 11.71
CA THR B 284 -7.96 11.72 11.13
C THR B 284 -7.86 12.73 10.01
N SER B 285 -8.91 12.90 9.22
CA SER B 285 -8.85 13.74 8.03
C SER B 285 -10.23 14.33 7.76
N VAL B 286 -10.25 15.53 7.19
CA VAL B 286 -11.49 16.22 6.83
C VAL B 286 -11.30 16.89 5.48
N SER B 287 -12.40 16.99 4.73
CA SER B 287 -12.39 17.67 3.45
C SER B 287 -13.81 18.09 3.11
N PHE B 288 -13.92 19.04 2.18
CA PHE B 288 -15.19 19.54 1.70
C PHE B 288 -15.39 19.14 0.25
N SER B 289 -16.66 19.01 -0.14
CA SER B 289 -16.99 18.88 -1.55
C SER B 289 -16.81 20.21 -2.25
N LYS B 290 -16.93 20.20 -3.59
CA LYS B 290 -16.59 21.36 -4.38
C LYS B 290 -17.46 22.57 -4.00
N SER B 291 -18.75 22.33 -3.79
CA SER B 291 -19.65 23.40 -3.34
C SER B 291 -19.57 23.65 -1.84
N GLY B 292 -18.88 22.79 -1.08
CA GLY B 292 -18.79 22.92 0.35
C GLY B 292 -19.99 22.40 1.11
N ARG B 293 -21.00 21.86 0.42
CA ARG B 293 -22.20 21.39 1.10
C ARG B 293 -21.93 20.10 1.88
N LEU B 294 -20.95 19.31 1.45
CA LEU B 294 -20.63 18.05 2.10
C LEU B 294 -19.29 18.18 2.83
N LEU B 295 -19.25 17.65 4.06
CA LEU B 295 -18.02 17.54 4.84
C LEU B 295 -17.70 16.07 5.00
N LEU B 296 -16.59 15.63 4.41
CA LEU B 296 -16.15 14.25 4.49
C LEU B 296 -15.06 14.13 5.53
N ALA B 297 -15.21 13.18 6.46
CA ALA B 297 -14.28 13.00 7.55
C ALA B 297 -13.86 11.54 7.64
N GLY B 298 -12.55 11.31 7.83
CA GLY B 298 -12.04 9.98 8.06
C GLY B 298 -11.90 9.71 9.55
N TYR B 299 -12.15 8.45 9.94
CA TYR B 299 -12.29 8.08 11.33
C TYR B 299 -11.38 6.90 11.65
N ASP B 300 -11.17 6.69 12.95
CA ASP B 300 -10.43 5.52 13.42
C ASP B 300 -11.22 4.22 13.30
N ASP B 301 -12.55 4.29 13.20
CA ASP B 301 -13.37 3.09 13.14
C ASP B 301 -13.46 2.49 11.74
N PHE B 302 -12.48 2.78 10.89
CA PHE B 302 -12.26 2.22 9.56
C PHE B 302 -13.21 2.81 8.53
N ASN B 303 -13.98 3.84 8.88
CA ASN B 303 -15.03 4.37 8.01
C ASN B 303 -14.77 5.84 7.70
N CYS B 304 -15.43 6.30 6.64
CA CYS B 304 -15.45 7.71 6.28
C CYS B 304 -16.91 8.17 6.27
N ASN B 305 -17.24 9.14 7.12
CA ASN B 305 -18.60 9.64 7.25
C ASN B 305 -18.76 10.93 6.45
N VAL B 306 -19.76 10.97 5.59
CA VAL B 306 -20.10 12.18 4.83
C VAL B 306 -21.16 12.94 5.60
N TRP B 307 -20.83 14.17 5.97
CA TRP B 307 -21.72 15.02 6.76
C TRP B 307 -22.35 16.09 5.89
N ASP B 308 -23.56 16.51 6.27
CA ASP B 308 -24.16 17.72 5.73
C ASP B 308 -23.57 18.90 6.47
N ALA B 309 -22.78 19.73 5.77
CA ALA B 309 -22.10 20.82 6.44
C ALA B 309 -23.08 21.82 7.04
N LEU B 310 -24.16 22.13 6.32
CA LEU B 310 -25.11 23.13 6.78
C LEU B 310 -26.02 22.60 7.88
N LYS B 311 -26.45 21.34 7.79
CA LYS B 311 -27.46 20.80 8.69
C LYS B 311 -26.91 19.81 9.70
N ALA B 312 -25.61 19.51 9.66
CA ALA B 312 -24.97 18.59 10.62
C ALA B 312 -25.64 17.22 10.61
N ASP B 313 -26.02 16.75 9.43
CA ASP B 313 -26.60 15.43 9.25
C ASP B 313 -25.61 14.52 8.57
N ARG B 314 -25.51 13.28 9.04
CA ARG B 314 -24.65 12.28 8.41
C ARG B 314 -25.29 11.85 7.10
N ALA B 315 -24.73 12.32 5.99
CA ALA B 315 -25.33 12.05 4.68
C ALA B 315 -25.03 10.64 4.19
N GLY B 316 -23.86 10.11 4.50
CA GLY B 316 -23.52 8.78 4.03
C GLY B 316 -22.27 8.28 4.71
N VAL B 317 -21.89 7.05 4.35
CA VAL B 317 -20.73 6.37 4.93
C VAL B 317 -19.93 5.75 3.79
N LEU B 318 -18.61 5.94 3.82
CA LEU B 318 -17.70 5.23 2.93
C LEU B 318 -17.01 4.14 3.74
N ALA B 319 -17.47 2.90 3.56
CA ALA B 319 -16.94 1.75 4.27
C ALA B 319 -16.26 0.84 3.25
N GLY B 320 -14.96 1.03 3.08
CA GLY B 320 -14.21 0.21 2.15
C GLY B 320 -12.79 -0.10 2.60
N HIS B 321 -12.48 0.09 3.87
CA HIS B 321 -11.14 -0.14 4.38
C HIS B 321 -11.19 -1.02 5.62
N ASP B 322 -10.13 -1.81 5.80
CA ASP B 322 -10.02 -2.74 6.90
C ASP B 322 -9.13 -2.22 8.02
N ASN B 323 -8.67 -0.97 7.93
CA ASN B 323 -7.91 -0.36 9.01
C ASN B 323 -8.25 1.13 9.06
N ARG B 324 -7.50 1.88 9.85
CA ARG B 324 -7.78 3.30 10.04
C ARG B 324 -7.77 4.04 8.70
N VAL B 325 -8.76 4.89 8.50
CA VAL B 325 -8.71 5.87 7.42
C VAL B 325 -7.78 7.01 7.86
N SER B 326 -6.58 7.06 7.27
CA SER B 326 -5.57 8.01 7.71
C SER B 326 -5.64 9.33 6.96
N CYS B 327 -6.21 9.36 5.76
CA CYS B 327 -6.20 10.56 4.95
C CYS B 327 -7.30 10.46 3.90
N LEU B 328 -7.74 11.62 3.43
CA LEU B 328 -8.66 11.69 2.30
C LEU B 328 -8.50 13.04 1.62
N GLY B 329 -9.00 13.11 0.39
CA GLY B 329 -8.93 14.34 -0.37
C GLY B 329 -9.91 14.33 -1.52
N VAL B 330 -10.40 15.52 -1.85
CA VAL B 330 -11.38 15.70 -2.93
C VAL B 330 -10.69 16.44 -4.07
N THR B 331 -10.96 16.01 -5.30
CA THR B 331 -10.34 16.61 -6.47
C THR B 331 -10.77 18.06 -6.61
N ASP B 332 -9.96 18.82 -7.36
CA ASP B 332 -10.27 20.23 -7.59
C ASP B 332 -11.56 20.40 -8.40
N ASP B 333 -11.83 19.50 -9.35
CA ASP B 333 -13.07 19.58 -10.10
C ASP B 333 -14.25 18.98 -9.35
N GLY B 334 -14.02 18.38 -8.19
CA GLY B 334 -15.09 17.84 -7.38
C GLY B 334 -15.64 16.52 -7.85
N MET B 335 -14.97 15.85 -8.78
CA MET B 335 -15.54 14.66 -9.39
C MET B 335 -15.48 13.45 -8.47
N ALA B 336 -14.39 13.32 -7.70
CA ALA B 336 -14.18 12.13 -6.90
C ALA B 336 -13.46 12.49 -5.61
N VAL B 337 -13.50 11.56 -4.66
CA VAL B 337 -12.78 11.67 -3.41
C VAL B 337 -11.92 10.42 -3.23
N ALA B 338 -10.67 10.62 -2.82
CA ALA B 338 -9.76 9.52 -2.54
C ALA B 338 -9.60 9.36 -1.03
N THR B 339 -9.56 8.11 -0.59
CA THR B 339 -9.32 7.78 0.81
C THR B 339 -8.11 6.88 0.93
N GLY B 340 -7.17 7.25 1.79
CA GLY B 340 -6.02 6.44 2.11
C GLY B 340 -6.19 5.83 3.49
N SER B 341 -5.54 4.69 3.72
CA SER B 341 -5.79 3.93 4.93
C SER B 341 -4.53 3.20 5.37
N TRP B 342 -4.53 2.81 6.66
CA TRP B 342 -3.46 1.99 7.22
C TRP B 342 -3.43 0.58 6.67
N ASP B 343 -4.46 0.15 5.93
CA ASP B 343 -4.46 -1.15 5.30
C ASP B 343 -3.67 -1.18 3.99
N SER B 344 -2.99 -0.09 3.67
CA SER B 344 -2.06 0.06 2.55
C SER B 344 -2.75 0.24 1.20
N PHE B 345 -4.03 0.58 1.19
CA PHE B 345 -4.76 0.76 -0.06
C PHE B 345 -5.31 2.18 -0.15
N LEU B 346 -5.43 2.66 -1.39
CA LEU B 346 -6.13 3.90 -1.69
C LEU B 346 -7.35 3.58 -2.53
N LYS B 347 -8.45 4.26 -2.26
CA LYS B 347 -9.70 4.03 -2.98
C LYS B 347 -10.26 5.35 -3.49
N ILE B 348 -10.82 5.32 -4.69
CA ILE B 348 -11.43 6.47 -5.33
C ILE B 348 -12.94 6.28 -5.33
N TRP B 349 -13.66 7.29 -4.85
CA TRP B 349 -15.10 7.20 -4.67
C TRP B 349 -15.81 8.31 -5.43
N ASN B 350 -16.96 7.99 -6.01
CA ASN B 350 -17.94 8.98 -6.44
C ASN B 350 -19.28 8.28 -6.60
N GLY B 351 -20.34 9.08 -6.70
CA GLY B 351 -21.67 8.54 -6.82
C GLY B 351 -22.07 8.25 -8.25
N SER B 352 -23.29 7.73 -8.40
CA SER B 352 -23.86 7.45 -9.71
C SER B 352 -25.31 7.91 -9.73
N SER B 353 -25.75 8.34 -10.91
CA SER B 353 -27.12 8.80 -11.09
C SER B 353 -28.12 7.65 -10.93
N THR C 6 13.79 35.96 34.01
CA THR C 6 12.84 36.92 33.45
C THR C 6 12.21 36.38 32.17
N ALA C 7 12.20 35.05 32.04
CA ALA C 7 11.58 34.43 30.87
C ALA C 7 10.06 34.48 30.94
N SER C 8 9.49 34.22 32.13
CA SER C 8 8.04 34.23 32.26
C SER C 8 7.46 35.63 32.04
N ILE C 9 8.12 36.66 32.58
CA ILE C 9 7.59 38.01 32.44
C ILE C 9 7.65 38.46 30.98
N ALA C 10 8.68 38.04 30.25
CA ALA C 10 8.78 38.36 28.84
C ALA C 10 7.69 37.65 28.04
N GLN C 11 7.41 36.39 28.37
CA GLN C 11 6.34 35.66 27.70
C GLN C 11 4.97 36.25 28.02
N ALA C 12 4.79 36.74 29.24
CA ALA C 12 3.50 37.31 29.62
C ALA C 12 3.16 38.53 28.78
N ARG C 13 4.16 39.39 28.52
CA ARG C 13 3.92 40.56 27.69
C ARG C 13 3.51 40.17 26.28
N LYS C 14 4.14 39.14 25.73
CA LYS C 14 3.82 38.71 24.37
C LYS C 14 2.41 38.14 24.29
N LEU C 15 2.01 37.34 25.28
CA LEU C 15 0.67 36.76 25.27
C LEU C 15 -0.40 37.85 25.42
N VAL C 16 -0.15 38.82 26.30
CA VAL C 16 -1.10 39.93 26.45
C VAL C 16 -1.18 40.75 25.17
N GLU C 17 -0.03 41.01 24.54
CA GLU C 17 -0.03 41.80 23.32
C GLU C 17 -0.77 41.08 22.20
N GLN C 18 -0.65 39.76 22.13
CA GLN C 18 -1.37 39.00 21.11
C GLN C 18 -2.87 39.06 21.33
N LEU C 19 -3.31 38.96 22.59
CA LEU C 19 -4.75 38.99 22.88
C LEU C 19 -5.35 40.35 22.54
N LYS C 20 -4.56 41.42 22.60
CA LYS C 20 -5.05 42.74 22.19
C LYS C 20 -5.39 42.77 20.71
N MET C 21 -4.53 42.17 19.88
CA MET C 21 -4.77 42.18 18.44
C MET C 21 -6.02 41.38 18.09
N GLU C 22 -6.21 40.23 18.75
CA GLU C 22 -7.37 39.39 18.45
C GLU C 22 -8.67 40.00 18.95
N ALA C 23 -8.61 40.80 20.01
CA ALA C 23 -9.81 41.40 20.59
C ALA C 23 -10.26 42.66 19.84
N ASN C 24 -9.45 43.19 18.92
CA ASN C 24 -9.77 44.43 18.23
C ASN C 24 -10.26 44.20 16.81
N ILE C 25 -10.59 42.96 16.45
CA ILE C 25 -11.05 42.68 15.09
C ILE C 25 -12.54 42.94 14.99
N ASP C 26 -13.00 43.21 13.77
CA ASP C 26 -14.42 43.42 13.52
C ASP C 26 -15.11 42.08 13.30
N ARG C 27 -16.19 41.84 14.05
CA ARG C 27 -16.94 40.60 13.98
C ARG C 27 -18.34 40.89 13.44
N ILE C 28 -18.74 40.12 12.44
CA ILE C 28 -20.10 40.19 11.91
C ILE C 28 -20.98 39.22 12.68
N LYS C 29 -22.29 39.39 12.54
CA LYS C 29 -23.23 38.52 13.22
C LYS C 29 -23.14 37.10 12.67
N VAL C 30 -23.46 36.13 13.52
CA VAL C 30 -23.46 34.73 13.11
C VAL C 30 -24.52 34.48 12.05
N SER C 31 -25.67 35.16 12.17
CA SER C 31 -26.71 35.03 11.16
C SER C 31 -26.23 35.52 9.80
N LYS C 32 -25.49 36.65 9.79
CA LYS C 32 -24.91 37.13 8.55
C LYS C 32 -23.88 36.15 8.00
N ALA C 33 -23.03 35.61 8.88
CA ALA C 33 -22.02 34.64 8.46
C ALA C 33 -22.66 33.33 8.02
N ALA C 34 -23.70 32.89 8.72
CA ALA C 34 -24.38 31.65 8.34
C ALA C 34 -25.02 31.79 6.97
N ALA C 35 -25.62 32.94 6.68
CA ALA C 35 -26.27 33.15 5.39
C ALA C 35 -25.26 33.09 4.25
N ASP C 36 -24.06 33.64 4.45
CA ASP C 36 -23.05 33.62 3.41
C ASP C 36 -22.61 32.20 3.08
N LEU C 37 -22.43 31.36 4.10
CA LEU C 37 -22.09 29.96 3.85
C LEU C 37 -23.22 29.24 3.14
N MET C 38 -24.47 29.50 3.54
CA MET C 38 -25.62 28.89 2.88
C MET C 38 -25.75 29.38 1.45
N ALA C 39 -25.47 30.66 1.22
CA ALA C 39 -25.56 31.23 -0.13
C ALA C 39 -24.53 30.60 -1.06
N TYR C 40 -23.30 30.42 -0.58
CA TYR C 40 -22.26 29.84 -1.43
C TYR C 40 -22.60 28.40 -1.83
N CYS C 41 -23.11 27.61 -0.88
CA CYS C 41 -23.50 26.24 -1.19
C CYS C 41 -24.62 26.20 -2.22
N GLU C 42 -25.60 27.10 -2.09
CA GLU C 42 -26.71 27.14 -3.04
C GLU C 42 -26.23 27.51 -4.43
N ALA C 43 -25.34 28.50 -4.54
CA ALA C 43 -24.92 28.99 -5.84
C ALA C 43 -24.09 27.96 -6.60
N HIS C 44 -23.29 27.16 -5.90
CA HIS C 44 -22.40 26.20 -6.52
C HIS C 44 -22.90 24.76 -6.40
N ALA C 45 -24.18 24.56 -6.03
CA ALA C 45 -24.69 23.22 -5.81
C ALA C 45 -24.68 22.39 -7.09
N LYS C 46 -25.02 23.01 -8.22
CA LYS C 46 -25.16 22.25 -9.47
C LYS C 46 -23.82 21.75 -9.99
N GLU C 47 -22.73 22.50 -9.74
CA GLU C 47 -21.40 22.10 -10.18
C GLU C 47 -20.66 21.26 -9.16
N ASP C 48 -21.37 20.56 -8.28
CA ASP C 48 -20.75 19.65 -7.33
C ASP C 48 -21.08 18.21 -7.71
N PRO C 49 -20.16 17.49 -8.35
CA PRO C 49 -20.45 16.10 -8.73
C PRO C 49 -20.73 15.17 -7.57
N LEU C 50 -20.08 15.38 -6.42
CA LEU C 50 -20.33 14.50 -5.28
C LEU C 50 -21.73 14.71 -4.71
N LEU C 51 -22.19 15.96 -4.67
CA LEU C 51 -23.54 16.25 -4.19
C LEU C 51 -24.58 15.73 -5.17
N THR C 52 -24.41 16.03 -6.46
CA THR C 52 -25.31 15.58 -7.52
C THR C 52 -24.50 14.74 -8.50
N PRO C 53 -24.55 13.41 -8.40
CA PRO C 53 -23.72 12.56 -9.27
C PRO C 53 -24.03 12.81 -10.74
N VAL C 54 -22.96 12.84 -11.55
CA VAL C 54 -23.04 13.12 -12.98
C VAL C 54 -23.45 11.85 -13.72
N PRO C 55 -23.96 11.96 -14.94
CA PRO C 55 -24.23 10.75 -15.74
C PRO C 55 -22.94 9.98 -16.01
N ALA C 56 -23.10 8.66 -16.16
CA ALA C 56 -21.93 7.79 -16.33
C ALA C 56 -21.06 8.19 -17.51
N SER C 57 -21.65 8.82 -18.52
CA SER C 57 -20.87 9.28 -19.66
C SER C 57 -19.88 10.37 -19.28
N GLU C 58 -20.23 11.17 -18.26
CA GLU C 58 -19.39 12.28 -17.82
C GLU C 58 -18.52 11.93 -16.63
N ASN C 59 -18.52 10.67 -16.20
CA ASN C 59 -17.76 10.24 -15.04
C ASN C 59 -16.45 9.63 -15.50
N PRO C 60 -15.30 10.25 -15.22
CA PRO C 60 -14.02 9.65 -15.62
C PRO C 60 -13.72 8.33 -14.94
N PHE C 61 -14.41 8.00 -13.85
CA PHE C 61 -14.12 6.80 -13.05
C PHE C 61 -15.16 5.71 -13.23
N ARG C 62 -15.68 5.57 -14.45
CA ARG C 62 -16.66 4.53 -14.78
C ARG C 62 -16.22 3.15 -14.28
N VAL D 1 22.10 15.21 -21.61
CA VAL D 1 21.60 14.06 -22.35
C VAL D 1 22.33 13.91 -23.67
N GLN D 2 22.86 12.71 -23.92
CA GLN D 2 23.64 12.45 -25.12
C GLN D 2 23.24 11.10 -25.71
N LEU D 3 23.24 11.01 -27.03
CA LEU D 3 23.00 9.76 -27.74
C LEU D 3 23.94 9.71 -28.93
N VAL D 4 24.96 8.86 -28.84
CA VAL D 4 26.01 8.75 -29.87
C VAL D 4 25.86 7.41 -30.57
N GLU D 5 25.71 7.45 -31.88
CA GLU D 5 25.61 6.24 -32.69
C GLU D 5 26.95 5.92 -33.32
N SER D 6 27.20 4.62 -33.51
CA SER D 6 28.43 4.16 -34.13
C SER D 6 28.17 2.81 -34.79
N GLY D 7 29.10 2.41 -35.65
CA GLY D 7 29.02 1.15 -36.36
C GLY D 7 28.59 1.27 -37.81
N GLY D 8 28.18 2.46 -38.25
CA GLY D 8 27.79 2.62 -39.63
C GLY D 8 28.97 2.69 -40.57
N GLY D 9 28.69 2.45 -41.85
CA GLY D 9 29.72 2.48 -42.86
C GLY D 9 29.29 1.71 -44.09
N LEU D 10 30.18 1.70 -45.08
CA LEU D 10 29.89 1.05 -46.35
C LEU D 10 29.98 -0.47 -46.18
N VAL D 11 28.91 -1.16 -46.56
CA VAL D 11 28.83 -2.61 -46.46
C VAL D 11 28.39 -3.18 -47.79
N GLN D 12 28.74 -4.44 -48.01
CA GLN D 12 28.35 -5.14 -49.23
C GLN D 12 26.89 -5.60 -49.13
N PRO D 13 26.20 -5.70 -50.26
CA PRO D 13 24.82 -6.21 -50.24
C PRO D 13 24.78 -7.64 -49.68
N GLY D 14 23.75 -7.91 -48.89
CA GLY D 14 23.63 -9.21 -48.24
C GLY D 14 24.49 -9.39 -47.01
N GLY D 15 25.22 -8.36 -46.61
CA GLY D 15 26.11 -8.43 -45.46
C GLY D 15 25.40 -8.15 -44.15
N SER D 16 26.20 -8.06 -43.10
CA SER D 16 25.71 -7.80 -41.76
C SER D 16 26.51 -6.67 -41.12
N ARG D 17 25.82 -5.87 -40.31
CA ARG D 17 26.44 -4.74 -39.63
C ARG D 17 25.76 -4.55 -38.28
N LYS D 18 26.55 -4.10 -37.30
CA LYS D 18 26.08 -3.91 -35.94
C LYS D 18 26.16 -2.44 -35.58
N LEU D 19 25.01 -1.83 -35.29
CA LEU D 19 24.95 -0.44 -34.89
C LEU D 19 24.83 -0.34 -33.38
N SER D 20 25.56 0.60 -32.79
CA SER D 20 25.56 0.82 -31.35
C SER D 20 25.09 2.24 -31.05
N CYS D 21 24.37 2.39 -29.94
CA CYS D 21 23.92 3.70 -29.45
C CYS D 21 24.26 3.79 -27.98
N SER D 22 25.29 4.57 -27.66
CA SER D 22 25.73 4.77 -26.28
C SER D 22 25.02 5.97 -25.68
N ALA D 23 24.42 5.78 -24.51
CA ALA D 23 23.66 6.81 -23.83
C ALA D 23 24.39 7.30 -22.60
N SER D 24 24.44 8.61 -22.41
CA SER D 24 25.03 9.23 -21.24
C SER D 24 24.20 10.42 -20.81
N GLY D 25 24.20 10.69 -19.51
CA GLY D 25 23.53 11.85 -18.96
C GLY D 25 22.07 11.68 -18.62
N PHE D 26 21.52 10.46 -18.73
CA PHE D 26 20.15 10.22 -18.32
C PHE D 26 19.98 8.76 -17.96
N ALA D 27 18.88 8.47 -17.26
CA ALA D 27 18.59 7.11 -16.83
C ALA D 27 18.17 6.24 -18.01
N PHE D 28 19.14 5.56 -18.61
CA PHE D 28 18.89 4.85 -19.86
C PHE D 28 17.85 3.74 -19.68
N SER D 29 17.91 3.01 -18.58
CA SER D 29 17.00 1.90 -18.37
C SER D 29 15.55 2.32 -18.23
N SER D 30 15.28 3.60 -17.96
CA SER D 30 13.92 4.07 -17.80
C SER D 30 13.25 4.45 -19.11
N PHE D 31 14.00 4.56 -20.21
CA PHE D 31 13.48 5.02 -21.49
C PHE D 31 13.35 3.86 -22.46
N GLY D 32 12.22 3.81 -23.15
CA GLY D 32 12.13 3.01 -24.36
C GLY D 32 12.96 3.63 -25.48
N MET D 33 13.41 2.80 -26.41
CA MET D 33 14.32 3.24 -27.45
C MET D 33 13.77 2.86 -28.82
N HIS D 34 13.92 3.77 -29.78
CA HIS D 34 13.54 3.53 -31.16
C HIS D 34 14.75 3.71 -32.06
N TRP D 35 14.76 2.97 -33.17
CA TRP D 35 15.64 3.27 -34.28
C TRP D 35 14.82 3.86 -35.42
N VAL D 36 15.25 5.03 -35.89
CA VAL D 36 14.62 5.70 -37.02
C VAL D 36 15.70 5.98 -38.06
N ARG D 37 15.42 5.63 -39.30
CA ARG D 37 16.37 5.85 -40.38
C ARG D 37 15.81 6.87 -41.37
N GLN D 38 16.72 7.48 -42.13
CA GLN D 38 16.35 8.51 -43.11
C GLN D 38 17.18 8.26 -44.37
N ALA D 39 16.52 7.84 -45.44
CA ALA D 39 17.21 7.64 -46.69
C ALA D 39 17.71 8.97 -47.25
N PRO D 40 18.82 8.98 -47.97
CA PRO D 40 19.34 10.23 -48.51
C PRO D 40 18.31 10.94 -49.38
N GLU D 41 18.13 12.24 -49.11
CA GLU D 41 17.13 13.06 -49.79
C GLU D 41 15.73 12.46 -49.67
N LYS D 42 15.44 11.89 -48.50
CA LYS D 42 14.12 11.31 -48.22
C LYS D 42 13.72 11.67 -46.79
N GLY D 43 12.52 11.25 -46.41
CA GLY D 43 11.99 11.53 -45.09
C GLY D 43 12.37 10.46 -44.07
N LEU D 44 11.82 10.62 -42.87
CA LEU D 44 12.11 9.71 -41.77
C LEU D 44 11.27 8.45 -41.88
N GLU D 45 11.86 7.33 -41.45
CA GLU D 45 11.16 6.04 -41.47
C GLU D 45 11.49 5.29 -40.19
N TRP D 46 10.47 4.93 -39.42
CA TRP D 46 10.67 4.19 -38.18
C TRP D 46 11.06 2.75 -38.46
N VAL D 47 12.05 2.25 -37.71
CA VAL D 47 12.62 0.93 -37.95
C VAL D 47 12.18 -0.07 -36.88
N ALA D 48 12.45 0.22 -35.62
CA ALA D 48 12.23 -0.75 -34.55
C ALA D 48 12.03 -0.01 -33.24
N TYR D 49 11.52 -0.75 -32.25
CA TYR D 49 11.31 -0.22 -30.92
C TYR D 49 11.58 -1.32 -29.90
N ILE D 50 12.31 -0.98 -28.83
CA ILE D 50 12.46 -1.85 -27.68
C ILE D 50 12.07 -1.06 -26.44
N SER D 51 11.24 -1.66 -25.60
CA SER D 51 10.70 -0.97 -24.44
C SER D 51 11.72 -0.95 -23.31
N SER D 52 11.43 -0.13 -22.30
CA SER D 52 12.19 -0.18 -21.05
C SER D 52 11.99 -1.55 -20.40
N GLY D 53 13.09 -2.18 -20.02
CA GLY D 53 13.03 -3.53 -19.50
C GLY D 53 13.02 -4.61 -20.57
N SER D 54 13.10 -4.24 -21.85
CA SER D 54 13.25 -5.17 -22.97
C SER D 54 12.07 -6.12 -23.11
N GLY D 55 10.93 -5.79 -22.49
CA GLY D 55 9.80 -6.70 -22.52
C GLY D 55 9.01 -6.67 -23.81
N THR D 56 8.99 -5.52 -24.49
CA THR D 56 8.22 -5.33 -25.71
C THR D 56 9.17 -4.91 -26.83
N ILE D 57 9.05 -5.58 -27.98
CA ILE D 57 9.89 -5.29 -29.14
C ILE D 57 9.00 -5.23 -30.37
N TYR D 58 9.16 -4.18 -31.17
CA TYR D 58 8.41 -4.01 -32.40
C TYR D 58 9.38 -3.75 -33.55
N TYR D 59 8.97 -4.19 -34.75
CA TYR D 59 9.76 -3.98 -35.96
C TYR D 59 8.86 -3.46 -37.07
N ALA D 60 9.47 -2.71 -37.99
CA ALA D 60 8.79 -2.34 -39.22
C ALA D 60 8.71 -3.55 -40.16
N ASP D 61 7.67 -3.58 -40.98
CA ASP D 61 7.48 -4.71 -41.88
C ASP D 61 8.62 -4.86 -42.87
N THR D 62 9.18 -3.74 -43.32
CA THR D 62 10.27 -3.78 -44.31
C THR D 62 11.55 -4.34 -43.72
N VAL D 63 11.67 -4.42 -42.40
CA VAL D 63 12.87 -4.92 -41.76
C VAL D 63 12.61 -6.12 -40.86
N LYS D 64 11.36 -6.51 -40.66
CA LYS D 64 11.06 -7.61 -39.75
C LYS D 64 11.65 -8.92 -40.28
N GLY D 65 12.30 -9.66 -39.39
CA GLY D 65 12.98 -10.88 -39.74
C GLY D 65 14.45 -10.71 -40.09
N ARG D 66 14.87 -9.50 -40.49
CA ARG D 66 16.26 -9.24 -40.80
C ARG D 66 16.99 -8.41 -39.75
N PHE D 67 16.28 -7.52 -39.06
CA PHE D 67 16.89 -6.67 -38.03
C PHE D 67 16.52 -7.20 -36.65
N THR D 68 17.48 -7.11 -35.72
CA THR D 68 17.23 -7.44 -34.32
C THR D 68 17.71 -6.28 -33.46
N ILE D 69 16.83 -5.77 -32.61
CA ILE D 69 17.12 -4.64 -31.74
C ILE D 69 17.25 -5.15 -30.31
N SER D 70 18.29 -4.69 -29.61
CA SER D 70 18.55 -5.11 -28.25
C SER D 70 19.24 -3.97 -27.50
N ARG D 71 19.24 -4.07 -26.18
CA ARG D 71 19.84 -3.05 -25.33
C ARG D 71 20.62 -3.71 -24.21
N ASP D 72 21.63 -3.00 -23.73
CA ASP D 72 22.43 -3.42 -22.58
C ASP D 72 22.34 -2.32 -21.53
N ASP D 73 21.40 -2.47 -20.60
CA ASP D 73 21.15 -1.43 -19.60
C ASP D 73 22.37 -1.14 -18.72
N PRO D 74 23.09 -2.13 -18.19
CA PRO D 74 24.28 -1.80 -17.39
C PRO D 74 25.33 -1.01 -18.17
N LYS D 75 25.48 -1.27 -19.46
CA LYS D 75 26.44 -0.54 -20.28
C LYS D 75 25.84 0.68 -20.95
N ASN D 76 24.53 0.91 -20.80
CA ASN D 76 23.83 2.04 -21.41
C ASN D 76 24.07 2.06 -22.92
N THR D 77 23.96 0.90 -23.55
CA THR D 77 24.19 0.75 -24.98
C THR D 77 22.94 0.17 -25.65
N LEU D 78 22.54 0.76 -26.76
CA LEU D 78 21.47 0.25 -27.59
C LEU D 78 22.06 -0.36 -28.86
N PHE D 79 21.58 -1.53 -29.24
CA PHE D 79 22.13 -2.27 -30.37
C PHE D 79 21.08 -2.46 -31.45
N LEU D 80 21.55 -2.59 -32.68
CA LEU D 80 20.71 -2.96 -33.82
C LEU D 80 21.53 -3.91 -34.69
N GLN D 81 21.21 -5.20 -34.61
CA GLN D 81 21.87 -6.21 -35.43
C GLN D 81 21.11 -6.34 -36.74
N MET D 82 21.81 -6.10 -37.84
CA MET D 82 21.22 -6.13 -39.17
C MET D 82 21.79 -7.28 -39.99
N THR D 83 20.93 -7.94 -40.75
CA THR D 83 21.34 -9.04 -41.61
C THR D 83 20.64 -8.91 -42.96
N SER D 84 21.26 -9.50 -43.99
CA SER D 84 20.72 -9.50 -45.34
C SER D 84 20.47 -8.08 -45.84
N LEU D 85 21.45 -7.21 -45.63
CA LEU D 85 21.28 -5.79 -45.93
C LEU D 85 21.09 -5.59 -47.44
N ARG D 86 20.10 -4.76 -47.79
CA ARG D 86 19.76 -4.47 -49.17
C ARG D 86 20.12 -3.02 -49.48
N SER D 87 20.08 -2.68 -50.77
CA SER D 87 20.32 -1.30 -51.17
C SER D 87 19.25 -0.35 -50.64
N GLU D 88 18.08 -0.88 -50.28
CA GLU D 88 17.01 -0.08 -49.69
C GLU D 88 17.32 0.32 -48.26
N ASP D 89 18.33 -0.26 -47.63
CA ASP D 89 18.67 0.03 -46.24
C ASP D 89 19.71 1.13 -46.10
N THR D 90 20.18 1.71 -47.21
CA THR D 90 21.15 2.80 -47.15
C THR D 90 20.48 4.04 -46.59
N ALA D 91 20.82 4.42 -45.36
CA ALA D 91 20.18 5.55 -44.71
C ALA D 91 21.02 5.97 -43.51
N MET D 92 20.68 7.13 -42.96
CA MET D 92 21.20 7.59 -41.68
C MET D 92 20.28 7.10 -40.57
N TYR D 93 20.85 6.34 -39.63
CA TYR D 93 20.07 5.69 -38.57
C TYR D 93 20.18 6.51 -37.29
N TYR D 94 19.04 6.94 -36.77
CA TYR D 94 18.98 7.77 -35.58
C TYR D 94 18.55 6.96 -34.36
N CYS D 95 19.18 7.23 -33.22
CA CYS D 95 18.82 6.63 -31.95
C CYS D 95 17.93 7.60 -31.19
N VAL D 96 16.72 7.16 -30.85
CA VAL D 96 15.72 8.03 -30.24
C VAL D 96 15.26 7.42 -28.92
N ARG D 97 15.27 8.22 -27.86
CA ARG D 97 14.73 7.81 -26.57
C ARG D 97 13.28 8.23 -26.46
N SER D 98 12.49 7.43 -25.74
CA SER D 98 11.08 7.74 -25.54
C SER D 98 10.60 7.06 -24.26
N ILE D 99 10.08 7.85 -23.33
CA ILE D 99 9.54 7.35 -22.08
C ILE D 99 8.03 7.57 -22.11
N TYR D 100 7.28 6.63 -21.54
CA TYR D 100 5.82 6.63 -21.65
C TYR D 100 5.20 6.58 -20.27
N TYR D 101 4.62 7.70 -19.85
CA TYR D 101 3.73 7.77 -18.70
C TYR D 101 2.80 8.95 -18.93
N TYR D 102 1.81 9.10 -18.05
CA TYR D 102 0.85 10.18 -18.20
C TYR D 102 1.56 11.53 -18.20
N GLY D 103 1.43 12.26 -19.30
CA GLY D 103 2.06 13.56 -19.44
C GLY D 103 3.50 13.54 -19.91
N SER D 104 4.05 12.37 -20.23
CA SER D 104 5.41 12.31 -20.72
C SER D 104 5.50 12.84 -22.15
N SER D 105 6.72 13.06 -22.62
CA SER D 105 7.00 13.55 -23.97
C SER D 105 7.86 12.54 -24.70
N PRO D 106 7.26 11.55 -25.36
CA PRO D 106 8.05 10.58 -26.13
C PRO D 106 8.74 11.25 -27.31
N PHE D 107 9.83 10.63 -27.75
CA PHE D 107 10.60 11.09 -28.91
C PHE D 107 11.20 12.47 -28.67
N ASP D 108 11.50 12.78 -27.41
CA ASP D 108 11.97 14.11 -27.06
C ASP D 108 13.43 14.34 -27.46
N PHE D 109 14.26 13.31 -27.42
CA PHE D 109 15.67 13.44 -27.75
C PHE D 109 16.07 12.46 -28.84
N TRP D 110 16.79 12.96 -29.84
CA TRP D 110 17.30 12.15 -30.93
C TRP D 110 18.83 12.17 -30.90
N GLY D 111 19.43 11.08 -31.38
CA GLY D 111 20.88 11.05 -31.52
C GLY D 111 21.37 11.73 -32.78
N GLN D 112 22.70 11.86 -32.86
CA GLN D 112 23.30 12.52 -34.02
C GLN D 112 23.21 11.66 -35.27
N GLY D 113 23.12 10.34 -35.10
CA GLY D 113 22.92 9.43 -36.20
C GLY D 113 24.22 8.86 -36.73
N THR D 114 24.12 7.68 -37.35
CA THR D 114 25.24 7.03 -38.01
C THR D 114 24.81 6.64 -39.42
N THR D 115 25.73 6.79 -40.37
CA THR D 115 25.42 6.62 -41.78
C THR D 115 25.77 5.20 -42.21
N LEU D 116 24.81 4.51 -42.82
CA LEU D 116 25.01 3.18 -43.38
C LEU D 116 24.82 3.24 -44.89
N THR D 117 25.81 2.75 -45.63
CA THR D 117 25.75 2.71 -47.09
C THR D 117 25.88 1.26 -47.56
N VAL D 118 24.96 0.84 -48.42
CA VAL D 118 24.95 -0.50 -48.98
C VAL D 118 25.26 -0.39 -50.47
N SER D 119 26.22 -1.18 -50.93
CA SER D 119 26.66 -1.13 -52.33
C SER D 119 25.60 -1.65 -53.28
N ASP D 136 -1.43 0.16 -41.89
CA ASP D 136 -0.50 1.28 -41.77
C ASP D 136 -1.22 2.62 -41.97
N ILE D 137 -1.15 3.48 -40.96
CA ILE D 137 -1.73 4.80 -41.08
C ILE D 137 -0.89 5.64 -42.02
N VAL D 138 -1.54 6.29 -42.98
CA VAL D 138 -0.86 7.12 -43.98
C VAL D 138 -0.90 8.57 -43.52
N MET D 139 0.26 9.16 -43.33
CA MET D 139 0.38 10.57 -42.95
C MET D 139 0.75 11.37 -44.19
N THR D 140 -0.05 12.39 -44.49
CA THR D 140 0.09 13.14 -45.73
C THR D 140 0.45 14.59 -45.43
N GLN D 141 1.52 15.06 -46.06
CA GLN D 141 1.92 16.46 -46.07
C GLN D 141 2.01 16.88 -47.54
N ALA D 142 0.88 17.31 -48.10
CA ALA D 142 0.83 17.57 -49.54
C ALA D 142 1.77 18.70 -49.93
N THR D 143 1.83 19.77 -49.12
CA THR D 143 2.72 20.88 -49.43
C THR D 143 4.16 20.46 -49.14
N SER D 144 4.93 20.22 -50.20
CA SER D 144 6.31 19.79 -50.02
C SER D 144 7.21 20.93 -49.56
N SER D 145 7.02 22.13 -50.11
CA SER D 145 7.86 23.26 -49.78
C SER D 145 7.01 24.51 -49.60
N VAL D 146 7.48 25.42 -48.75
CA VAL D 146 6.79 26.68 -48.49
C VAL D 146 7.81 27.80 -48.46
N PRO D 147 7.73 28.78 -49.37
CA PRO D 147 8.62 29.94 -49.29
C PRO D 147 8.19 30.87 -48.17
N VAL D 148 9.13 31.22 -47.29
CA VAL D 148 8.82 32.00 -46.10
C VAL D 148 9.81 33.16 -45.98
N THR D 149 9.40 34.16 -45.20
CA THR D 149 10.21 35.31 -44.87
C THR D 149 10.21 35.51 -43.35
N PRO D 150 11.32 36.00 -42.79
CA PRO D 150 11.39 36.16 -41.34
C PRO D 150 10.32 37.12 -40.82
N GLY D 151 9.80 36.82 -39.64
CA GLY D 151 8.80 37.64 -39.01
C GLY D 151 7.38 37.42 -39.49
N GLU D 152 7.16 36.48 -40.40
CA GLU D 152 5.83 36.22 -40.95
C GLU D 152 5.31 34.87 -40.43
N SER D 153 4.00 34.78 -40.26
CA SER D 153 3.39 33.58 -39.71
C SER D 153 3.25 32.51 -40.77
N VAL D 154 3.59 31.28 -40.42
CA VAL D 154 3.57 30.15 -41.34
C VAL D 154 2.74 29.04 -40.72
N SER D 155 1.94 28.37 -41.56
CA SER D 155 1.14 27.23 -41.14
C SER D 155 1.50 26.02 -41.98
N ILE D 156 1.67 24.87 -41.33
CA ILE D 156 1.99 23.61 -41.99
C ILE D 156 0.88 22.63 -41.69
N SER D 157 0.41 21.93 -42.72
CA SER D 157 -0.74 21.04 -42.60
C SER D 157 -0.30 19.58 -42.69
N CYS D 158 -0.97 18.73 -41.93
CA CYS D 158 -0.74 17.30 -41.95
C CYS D 158 -2.10 16.59 -41.96
N ARG D 159 -2.15 15.45 -42.66
CA ARG D 159 -3.37 14.67 -42.76
C ARG D 159 -3.07 13.21 -42.46
N SER D 160 -4.07 12.50 -41.94
CA SER D 160 -3.94 11.08 -41.63
C SER D 160 -5.10 10.31 -42.24
N SER D 161 -4.82 9.09 -42.70
CA SER D 161 -5.86 8.24 -43.24
C SER D 161 -6.86 7.80 -42.17
N LYS D 162 -6.39 7.63 -40.94
CA LYS D 162 -7.24 7.26 -39.82
C LYS D 162 -7.26 8.40 -38.80
N SER D 163 -8.33 8.45 -38.02
CA SER D 163 -8.42 9.42 -36.94
C SER D 163 -7.41 9.09 -35.85
N LEU D 164 -6.57 10.06 -35.51
CA LEU D 164 -5.56 9.89 -34.48
C LEU D 164 -6.11 10.18 -33.08
N LEU D 165 -7.36 10.59 -32.97
CA LEU D 165 -7.98 10.83 -31.67
C LEU D 165 -8.43 9.50 -31.07
N HIS D 166 -7.88 9.17 -29.91
CA HIS D 166 -8.24 7.94 -29.21
C HIS D 166 -9.43 8.19 -28.29
N SER D 167 -10.04 7.10 -27.84
CA SER D 167 -11.18 7.19 -26.95
C SER D 167 -10.82 7.72 -25.56
N ASN D 168 -9.53 7.80 -25.23
CA ASN D 168 -9.11 8.34 -23.94
C ASN D 168 -8.91 9.86 -23.98
N GLY D 169 -9.16 10.50 -25.12
CA GLY D 169 -9.04 11.93 -25.26
C GLY D 169 -7.74 12.41 -25.85
N ASN D 170 -6.73 11.55 -25.92
CA ASN D 170 -5.46 11.92 -26.52
C ASN D 170 -5.54 11.87 -28.04
N THR D 171 -4.85 12.79 -28.70
CA THR D 171 -4.63 12.75 -30.15
C THR D 171 -3.14 12.55 -30.39
N TYR D 172 -2.75 11.34 -30.79
CA TYR D 172 -1.35 10.95 -30.83
C TYR D 172 -0.71 11.42 -32.14
N LEU D 173 -0.50 12.73 -32.22
CA LEU D 173 0.19 13.36 -33.33
C LEU D 173 1.40 14.12 -32.82
N TYR D 174 2.53 13.95 -33.49
CA TYR D 174 3.79 14.57 -33.11
C TYR D 174 4.32 15.42 -34.25
N TRP D 175 5.02 16.50 -33.90
CA TRP D 175 5.68 17.37 -34.86
C TRP D 175 7.16 17.41 -34.58
N PHE D 176 7.97 17.26 -35.64
CA PHE D 176 9.41 17.30 -35.54
C PHE D 176 9.97 18.33 -36.51
N LEU D 177 11.12 18.90 -36.14
CA LEU D 177 11.84 19.83 -36.99
C LEU D 177 13.27 19.32 -37.17
N GLN D 178 13.68 19.15 -38.42
CA GLN D 178 15.05 18.74 -38.75
C GLN D 178 15.72 19.89 -39.50
N ARG D 179 16.51 20.67 -38.77
CA ARG D 179 17.28 21.72 -39.40
C ARG D 179 18.39 21.12 -40.28
N PRO D 180 18.81 21.83 -41.33
CA PRO D 180 19.82 21.27 -42.24
C PRO D 180 21.11 20.93 -41.51
N GLY D 181 21.52 19.66 -41.62
CA GLY D 181 22.71 19.18 -40.97
C GLY D 181 22.51 18.69 -39.55
N GLN D 182 21.31 18.81 -39.00
CA GLN D 182 21.04 18.46 -37.62
C GLN D 182 20.05 17.32 -37.55
N SER D 183 20.01 16.66 -36.38
CA SER D 183 19.03 15.62 -36.13
C SER D 183 17.66 16.24 -35.88
N PRO D 184 16.59 15.47 -36.10
CA PRO D 184 15.24 16.00 -35.82
C PRO D 184 15.09 16.36 -34.35
N GLN D 185 14.25 17.37 -34.10
CA GLN D 185 13.93 17.80 -32.76
C GLN D 185 12.43 17.84 -32.57
N LEU D 186 11.97 17.43 -31.38
CA LEU D 186 10.55 17.43 -31.09
C LEU D 186 10.05 18.85 -30.86
N LEU D 187 8.95 19.19 -31.53
CA LEU D 187 8.28 20.47 -31.31
C LEU D 187 6.97 20.31 -30.56
N ILE D 188 6.05 19.48 -31.06
CA ILE D 188 4.73 19.30 -30.49
C ILE D 188 4.49 17.81 -30.29
N TYR D 189 4.07 17.44 -29.09
CA TYR D 189 3.74 16.05 -28.80
C TYR D 189 2.27 15.95 -28.39
N ARG D 190 1.60 14.93 -28.91
CA ARG D 190 0.16 14.74 -28.76
C ARG D 190 -0.63 15.97 -29.24
N MET D 191 -0.16 16.54 -30.34
CA MET D 191 -0.91 17.46 -31.21
C MET D 191 -1.09 18.85 -30.63
N SER D 192 -0.87 19.03 -29.33
CA SER D 192 -1.03 20.36 -28.75
C SER D 192 0.08 20.77 -27.79
N ASN D 193 0.74 19.85 -27.11
CA ASN D 193 1.71 20.20 -26.08
C ASN D 193 3.02 20.63 -26.69
N LEU D 194 3.65 21.64 -26.08
CA LEU D 194 4.90 22.20 -26.55
C LEU D 194 6.06 21.52 -25.82
N ALA D 195 7.03 21.03 -26.58
CA ALA D 195 8.15 20.31 -25.99
C ALA D 195 9.05 21.25 -25.20
N SER D 196 9.73 20.68 -24.21
CA SER D 196 10.64 21.46 -23.37
C SER D 196 11.79 22.04 -24.18
N GLY D 197 12.07 23.31 -23.97
CA GLY D 197 13.12 24.00 -24.70
C GLY D 197 12.71 24.54 -26.05
N VAL D 198 11.43 24.50 -26.39
CA VAL D 198 10.93 24.98 -27.68
C VAL D 198 10.26 26.33 -27.46
N PRO D 199 10.53 27.33 -28.28
CA PRO D 199 9.90 28.64 -28.10
C PRO D 199 8.38 28.56 -28.23
N ASP D 200 7.70 29.43 -27.48
CA ASP D 200 6.25 29.45 -27.43
C ASP D 200 5.60 29.87 -28.75
N ARG D 201 6.37 30.39 -29.71
CA ARG D 201 5.78 30.80 -30.98
C ARG D 201 5.20 29.61 -31.74
N PHE D 202 5.76 28.43 -31.57
CA PHE D 202 5.18 27.23 -32.16
C PHE D 202 3.90 26.85 -31.43
N SER D 203 2.85 26.54 -32.20
CA SER D 203 1.58 26.09 -31.64
C SER D 203 1.00 25.02 -32.53
N GLY D 204 0.50 23.95 -31.91
CA GLY D 204 -0.10 22.84 -32.64
C GLY D 204 -1.61 22.81 -32.43
N SER D 205 -2.34 22.79 -33.54
CA SER D 205 -3.79 22.71 -33.53
C SER D 205 -4.24 21.63 -34.50
N GLY D 206 -5.26 20.88 -34.11
CA GLY D 206 -5.76 19.82 -34.98
C GLY D 206 -7.10 19.32 -34.50
N SER D 207 -7.71 18.48 -35.33
CA SER D 207 -8.94 17.79 -34.97
C SER D 207 -9.09 16.58 -35.88
N GLY D 208 -9.36 15.42 -35.29
CA GLY D 208 -9.62 14.22 -36.06
C GLY D 208 -8.46 13.81 -36.94
N THR D 209 -8.58 14.05 -38.25
CA THR D 209 -7.57 13.66 -39.21
C THR D 209 -6.78 14.83 -39.79
N ALA D 210 -7.16 16.07 -39.49
CA ALA D 210 -6.52 17.25 -40.04
C ALA D 210 -5.82 18.01 -38.93
N PHE D 211 -4.54 18.33 -39.14
CA PHE D 211 -3.71 18.97 -38.13
C PHE D 211 -2.92 20.12 -38.76
N THR D 212 -2.68 21.16 -37.97
CA THR D 212 -1.97 22.34 -38.41
C THR D 212 -0.92 22.73 -37.39
N LEU D 213 0.29 23.02 -37.87
CA LEU D 213 1.37 23.56 -37.05
C LEU D 213 1.57 25.02 -37.43
N THR D 214 1.31 25.91 -36.50
CA THR D 214 1.42 27.36 -36.73
C THR D 214 2.71 27.89 -36.12
N ILE D 215 3.48 28.62 -36.93
CA ILE D 215 4.76 29.18 -36.51
C ILE D 215 4.63 30.70 -36.62
N SER D 216 4.35 31.36 -35.51
CA SER D 216 4.24 32.81 -35.49
C SER D 216 5.62 33.45 -35.38
N ARG D 217 5.82 34.52 -36.14
CA ARG D 217 7.08 35.29 -36.14
C ARG D 217 8.27 34.37 -36.46
N LEU D 218 8.26 33.84 -37.67
CA LEU D 218 9.29 32.91 -38.11
C LEU D 218 10.67 33.56 -38.04
N GLU D 219 11.68 32.78 -37.66
CA GLU D 219 13.05 33.23 -37.53
C GLU D 219 13.96 32.36 -38.41
N ALA D 220 15.24 32.74 -38.45
CA ALA D 220 16.19 32.01 -39.28
C ALA D 220 16.39 30.58 -38.79
N GLU D 221 16.38 30.38 -37.48
CA GLU D 221 16.60 29.04 -36.93
C GLU D 221 15.46 28.09 -37.29
N ASP D 222 14.25 28.60 -37.45
CA ASP D 222 13.09 27.76 -37.75
C ASP D 222 13.16 27.15 -39.15
N VAL D 223 14.04 27.65 -40.02
CA VAL D 223 14.19 27.09 -41.36
C VAL D 223 14.60 25.62 -41.27
N GLY D 224 13.87 24.77 -41.97
CA GLY D 224 14.17 23.35 -41.98
C GLY D 224 12.98 22.56 -42.49
N VAL D 225 13.07 21.25 -42.35
CA VAL D 225 12.03 20.32 -42.74
C VAL D 225 11.21 19.94 -41.52
N TYR D 226 9.89 19.94 -41.66
CA TYR D 226 8.97 19.61 -40.58
C TYR D 226 8.26 18.30 -40.89
N TYR D 227 8.29 17.37 -39.95
CA TYR D 227 7.68 16.06 -40.08
C TYR D 227 6.57 15.90 -39.05
N CYS D 228 5.44 15.35 -39.48
CA CYS D 228 4.37 14.95 -38.59
C CYS D 228 4.37 13.43 -38.46
N MET D 229 4.35 12.93 -37.23
CA MET D 229 4.39 11.51 -36.94
C MET D 229 3.16 11.14 -36.11
N GLN D 230 2.62 9.96 -36.38
CA GLN D 230 1.53 9.41 -35.59
C GLN D 230 2.04 8.35 -34.63
N HIS D 231 1.52 8.37 -33.40
CA HIS D 231 1.85 7.35 -32.41
C HIS D 231 0.61 6.62 -31.92
N LEU D 232 -0.44 6.59 -32.75
CA LEU D 232 -1.66 5.89 -32.37
C LEU D 232 -1.44 4.38 -32.29
N GLU D 233 -0.66 3.83 -33.22
CA GLU D 233 -0.43 2.39 -33.25
C GLU D 233 0.85 2.14 -34.04
N TYR D 234 1.38 0.92 -33.88
CA TYR D 234 2.55 0.49 -34.63
C TYR D 234 2.14 -0.16 -35.95
N PRO D 235 2.91 0.05 -37.02
CA PRO D 235 4.18 0.78 -37.07
C PRO D 235 4.01 2.30 -37.09
N LEU D 236 4.88 3.02 -36.39
CA LEU D 236 4.84 4.47 -36.41
C LEU D 236 5.25 4.98 -37.79
N THR D 237 4.44 5.87 -38.34
CA THR D 237 4.66 6.39 -39.69
C THR D 237 4.85 7.90 -39.66
N PHE D 238 5.72 8.38 -40.54
CA PHE D 238 6.03 9.80 -40.66
C PHE D 238 5.39 10.36 -41.93
N GLY D 239 5.14 11.66 -41.92
CA GLY D 239 4.77 12.34 -43.14
C GLY D 239 5.95 12.56 -44.06
N ALA D 240 5.65 12.97 -45.29
CA ALA D 240 6.70 13.21 -46.28
C ALA D 240 7.65 14.31 -45.81
N GLY D 241 7.11 15.34 -45.20
CA GLY D 241 7.89 16.46 -44.70
C GLY D 241 7.67 17.71 -45.52
N THR D 242 7.58 18.85 -44.83
CA THR D 242 7.42 20.15 -45.47
C THR D 242 8.66 20.98 -45.20
N LYS D 243 9.31 21.44 -46.27
CA LYS D 243 10.54 22.22 -46.13
C LYS D 243 10.23 23.71 -46.16
N LEU D 244 10.86 24.44 -45.25
CA LEU D 244 10.76 25.89 -45.21
C LEU D 244 12.05 26.50 -45.73
N GLU D 245 11.94 27.39 -46.71
CA GLU D 245 13.09 28.05 -47.31
C GLU D 245 12.84 29.55 -47.39
N LEU D 246 13.93 30.31 -47.30
CA LEU D 246 13.85 31.77 -47.34
C LEU D 246 13.88 32.27 -48.78
N ASN E 111 -27.81 -51.85 -3.14
CA ASN E 111 -28.12 -51.91 -1.71
C ASN E 111 -27.31 -50.87 -0.93
N ARG E 112 -26.00 -51.08 -0.85
CA ARG E 112 -25.13 -50.16 -0.14
C ARG E 112 -24.99 -48.83 -0.86
N LEU E 113 -25.34 -48.76 -2.14
CA LEU E 113 -25.22 -47.55 -2.93
C LEU E 113 -26.59 -46.95 -3.20
N SER E 114 -26.68 -45.63 -3.09
CA SER E 114 -27.93 -44.92 -3.31
C SER E 114 -27.63 -43.48 -3.72
N VAL E 115 -28.63 -42.82 -4.29
CA VAL E 115 -28.45 -41.45 -4.75
C VAL E 115 -28.21 -40.51 -3.57
N PHE E 116 -28.94 -40.72 -2.47
CA PHE E 116 -28.88 -39.79 -1.35
C PHE E 116 -27.53 -39.78 -0.66
N PHE E 117 -26.72 -40.83 -0.80
CA PHE E 117 -25.38 -40.81 -0.25
C PHE E 117 -24.53 -39.72 -0.88
N SER E 118 -24.60 -39.60 -2.21
CA SER E 118 -23.85 -38.56 -2.89
C SER E 118 -24.46 -37.18 -2.67
N VAL E 119 -25.79 -37.10 -2.59
CA VAL E 119 -26.45 -35.81 -2.43
C VAL E 119 -26.14 -35.21 -1.06
N ILE E 120 -26.27 -36.02 0.00
CA ILE E 120 -26.04 -35.52 1.35
C ILE E 120 -24.58 -35.15 1.55
N PHE E 121 -23.65 -35.99 1.08
CA PHE E 121 -22.24 -35.68 1.24
C PHE E 121 -21.84 -34.44 0.45
N MET E 122 -22.38 -34.29 -0.76
CA MET E 122 -22.10 -33.09 -1.54
C MET E 122 -22.68 -31.84 -0.88
N THR E 123 -23.90 -31.95 -0.35
CA THR E 123 -24.54 -30.79 0.27
C THR E 123 -23.77 -30.33 1.50
N VAL E 124 -23.42 -31.26 2.39
CA VAL E 124 -22.67 -30.89 3.59
C VAL E 124 -21.28 -30.39 3.23
N GLY E 125 -20.63 -31.03 2.27
CA GLY E 125 -19.31 -30.60 1.87
C GLY E 125 -19.30 -29.21 1.26
N ILE E 126 -20.31 -28.90 0.44
CA ILE E 126 -20.40 -27.58 -0.18
C ILE E 126 -20.71 -26.52 0.88
N LEU E 127 -21.68 -26.80 1.76
CA LEU E 127 -22.04 -25.83 2.78
C LEU E 127 -20.90 -25.58 3.75
N SER E 128 -20.20 -26.64 4.17
CA SER E 128 -19.08 -26.47 5.08
C SER E 128 -17.96 -25.66 4.44
N ASN E 129 -17.67 -25.93 3.16
CA ASN E 129 -16.61 -25.20 2.48
C ASN E 129 -17.03 -23.77 2.16
N SER E 130 -18.27 -23.58 1.73
CA SER E 130 -18.74 -22.22 1.43
C SER E 130 -18.72 -21.35 2.68
N LEU E 131 -19.13 -21.91 3.82
CA LEU E 131 -19.08 -21.15 5.07
C LEU E 131 -17.65 -20.80 5.45
N ALA E 132 -16.72 -21.71 5.20
CA ALA E 132 -15.32 -21.44 5.52
C ALA E 132 -14.70 -20.43 4.56
N ILE E 133 -15.17 -20.39 3.31
CA ILE E 133 -14.64 -19.42 2.35
C ILE E 133 -14.98 -18.00 2.79
N ALA E 134 -16.22 -17.77 3.23
CA ALA E 134 -16.62 -16.43 3.66
C ALA E 134 -15.82 -15.99 4.88
N ILE E 135 -15.59 -16.91 5.82
CA ILE E 135 -14.83 -16.56 7.02
C ILE E 135 -13.36 -16.33 6.69
N LEU E 136 -12.80 -17.15 5.81
CA LEU E 136 -11.38 -17.00 5.45
C LEU E 136 -11.12 -15.68 4.74
N MET E 137 -12.05 -15.25 3.88
CA MET E 137 -11.86 -13.99 3.16
C MET E 137 -11.80 -12.81 4.13
N LYS E 138 -12.71 -12.77 5.10
CA LYS E 138 -12.69 -11.69 6.09
C LYS E 138 -11.46 -11.77 6.98
N ALA E 139 -11.08 -12.98 7.39
CA ALA E 139 -9.94 -13.14 8.28
C ALA E 139 -8.63 -12.77 7.59
N TYR E 140 -8.49 -13.12 6.31
CA TYR E 140 -7.24 -12.83 5.60
C TYR E 140 -6.98 -11.34 5.51
N GLN E 141 -8.01 -10.54 5.24
CA GLN E 141 -7.84 -9.10 5.14
C GLN E 141 -7.36 -8.49 6.46
N ARG E 142 -7.76 -9.07 7.59
CA ARG E 142 -7.29 -8.56 8.88
C ARG E 142 -5.84 -8.97 9.13
N PHE E 143 -5.48 -10.22 8.81
CA PHE E 143 -4.16 -10.74 9.11
C PHE E 143 -3.12 -10.44 8.05
N ARG E 144 -3.53 -10.03 6.85
CA ARG E 144 -2.54 -9.71 5.83
C ARG E 144 -1.78 -8.44 6.19
N GLN E 145 -2.27 -7.66 7.15
CA GLN E 145 -1.58 -6.45 7.56
C GLN E 145 -0.51 -6.74 8.60
N LYS E 146 -0.76 -7.71 9.49
CA LYS E 146 0.22 -8.06 10.52
C LYS E 146 1.36 -8.88 9.95
N SER E 147 1.06 -9.80 9.04
CA SER E 147 2.07 -10.65 8.43
C SER E 147 1.54 -11.10 7.07
N LYS E 148 2.27 -12.04 6.44
CA LYS E 148 1.86 -12.54 5.13
C LYS E 148 0.66 -13.48 5.22
N ALA E 149 0.32 -13.97 6.41
CA ALA E 149 -0.80 -14.88 6.61
C ALA E 149 -0.69 -16.09 5.68
N SER E 150 0.46 -16.77 5.75
CA SER E 150 0.72 -17.89 4.86
C SER E 150 -0.26 -19.03 5.11
N PHE E 151 -0.63 -19.26 6.37
CA PHE E 151 -1.60 -20.32 6.67
C PHE E 151 -2.96 -20.00 6.07
N LEU E 152 -3.38 -18.73 6.13
CA LEU E 152 -4.69 -18.37 5.61
C LEU E 152 -4.75 -18.47 4.09
N LEU E 153 -3.61 -18.28 3.42
CA LEU E 153 -3.57 -18.48 1.98
C LEU E 153 -3.69 -19.95 1.63
N LEU E 154 -2.93 -20.80 2.33
CA LEU E 154 -2.99 -22.24 2.07
C LEU E 154 -4.33 -22.81 2.48
N ALA E 155 -4.90 -22.35 3.59
CA ALA E 155 -6.22 -22.82 4.01
C ALA E 155 -7.28 -22.43 3.00
N SER E 156 -7.18 -21.22 2.43
CA SER E 156 -8.13 -20.80 1.41
C SER E 156 -8.02 -21.68 0.16
N GLY E 157 -6.80 -22.04 -0.23
CA GLY E 157 -6.63 -22.93 -1.35
C GLY E 157 -7.22 -24.31 -1.10
N LEU E 158 -7.09 -24.80 0.14
CA LEU E 158 -7.65 -26.11 0.47
C LEU E 158 -9.17 -26.09 0.41
N VAL E 159 -9.79 -25.07 1.01
CA VAL E 159 -11.25 -25.03 1.08
C VAL E 159 -11.85 -24.80 -0.31
N ILE E 160 -11.20 -23.97 -1.13
CA ILE E 160 -11.67 -23.77 -2.50
C ILE E 160 -11.56 -25.06 -3.30
N THR E 161 -10.43 -25.77 -3.15
CA THR E 161 -10.26 -27.04 -3.85
C THR E 161 -11.31 -28.06 -3.43
N ASP E 162 -11.59 -28.14 -2.11
CA ASP E 162 -12.62 -29.06 -1.64
C ASP E 162 -14.00 -28.63 -2.10
N PHE E 163 -14.24 -27.32 -2.22
CA PHE E 163 -15.54 -26.84 -2.69
C PHE E 163 -15.80 -27.31 -4.12
N PHE E 164 -14.78 -27.21 -4.98
CA PHE E 164 -14.93 -27.70 -6.35
C PHE E 164 -14.90 -29.22 -6.40
N GLY E 165 -14.20 -29.85 -5.46
CA GLY E 165 -14.19 -31.31 -5.42
C GLY E 165 -15.55 -31.90 -5.14
N HIS E 166 -16.30 -31.30 -4.21
CA HIS E 166 -17.65 -31.77 -3.92
C HIS E 166 -18.64 -31.36 -5.00
N LEU E 167 -18.37 -30.25 -5.69
CA LEU E 167 -19.30 -29.75 -6.70
C LEU E 167 -19.16 -30.51 -8.02
N ILE E 168 -17.94 -30.58 -8.55
CA ILE E 168 -17.73 -31.21 -9.84
C ILE E 168 -17.99 -32.71 -9.75
N ASN E 169 -17.41 -33.38 -8.74
CA ASN E 169 -17.60 -34.82 -8.61
C ASN E 169 -19.02 -35.15 -8.15
N GLY E 170 -19.59 -34.33 -7.28
CA GLY E 170 -20.95 -34.58 -6.83
C GLY E 170 -21.97 -34.44 -7.93
N ALA E 171 -21.80 -33.43 -8.79
CA ALA E 171 -22.74 -33.24 -9.90
C ALA E 171 -22.68 -34.39 -10.89
N ILE E 172 -21.47 -34.86 -11.21
CA ILE E 172 -21.33 -35.98 -12.13
C ILE E 172 -21.90 -37.25 -11.50
N ALA E 173 -21.65 -37.47 -10.21
CA ALA E 173 -22.16 -38.66 -9.55
C ALA E 173 -23.68 -38.69 -9.53
N VAL E 174 -24.30 -37.55 -9.25
CA VAL E 174 -25.76 -37.48 -9.28
C VAL E 174 -26.29 -37.71 -10.70
N PHE E 175 -25.56 -37.21 -11.70
CA PHE E 175 -25.96 -37.42 -13.08
C PHE E 175 -25.94 -38.90 -13.45
N VAL E 176 -24.91 -39.63 -13.01
CA VAL E 176 -24.83 -41.06 -13.28
C VAL E 176 -25.97 -41.80 -12.59
N TYR E 177 -26.25 -41.44 -11.33
CA TYR E 177 -27.37 -42.07 -10.61
C TYR E 177 -28.69 -41.76 -11.29
N ALA E 178 -28.88 -40.51 -11.74
CA ALA E 178 -30.14 -40.14 -12.38
C ALA E 178 -30.31 -40.83 -13.73
N SER E 179 -29.20 -41.15 -14.40
CA SER E 179 -29.25 -41.81 -15.70
C SER E 179 -29.33 -43.33 -15.58
N ASP E 180 -29.70 -43.84 -14.40
CA ASP E 180 -29.83 -45.28 -14.15
C ASP E 180 -28.53 -46.04 -14.42
N LYS E 181 -27.40 -45.35 -14.23
CA LYS E 181 -26.07 -45.94 -14.40
C LYS E 181 -25.90 -46.54 -15.80
N GLU E 182 -26.47 -45.86 -16.80
CA GLU E 182 -26.39 -46.30 -18.19
C GLU E 182 -25.17 -45.65 -18.84
N TRP E 183 -24.00 -46.23 -18.58
CA TRP E 183 -22.76 -45.70 -19.15
C TRP E 183 -22.67 -45.97 -20.64
N ILE E 184 -23.16 -47.14 -21.07
CA ILE E 184 -23.07 -47.49 -22.49
C ILE E 184 -23.90 -46.54 -23.34
N ARG E 185 -25.11 -46.21 -22.88
CA ARG E 185 -26.00 -45.38 -23.70
C ARG E 185 -25.61 -43.91 -23.68
N PHE E 186 -25.12 -43.41 -22.54
CA PHE E 186 -24.87 -41.98 -22.39
C PHE E 186 -23.40 -41.62 -22.37
N ASP E 187 -22.50 -42.60 -22.44
CA ASP E 187 -21.06 -42.34 -22.50
C ASP E 187 -20.42 -43.26 -23.54
N GLN E 188 -21.00 -43.29 -24.74
CA GLN E 188 -20.45 -44.12 -25.81
C GLN E 188 -19.04 -43.68 -26.19
N SER E 189 -18.78 -42.37 -26.16
CA SER E 189 -17.47 -41.85 -26.52
C SER E 189 -16.41 -42.12 -25.46
N ASN E 190 -16.80 -42.59 -24.28
CA ASN E 190 -15.88 -42.91 -23.19
C ASN E 190 -15.06 -41.70 -22.75
N VAL E 191 -15.64 -40.51 -22.86
CA VAL E 191 -14.97 -39.28 -22.48
C VAL E 191 -15.33 -38.86 -21.06
N LEU E 192 -16.58 -39.10 -20.65
CA LEU E 192 -17.01 -38.69 -19.31
C LEU E 192 -16.24 -39.43 -18.23
N CYS E 193 -15.99 -40.73 -18.42
CA CYS E 193 -15.26 -41.50 -17.42
C CYS E 193 -13.84 -40.98 -17.26
N SER E 194 -13.19 -40.62 -18.37
CA SER E 194 -11.86 -40.02 -18.28
C SER E 194 -11.92 -38.68 -17.54
N ILE E 195 -12.93 -37.87 -17.83
CA ILE E 195 -13.10 -36.62 -17.08
C ILE E 195 -13.43 -36.91 -15.62
N PHE E 196 -14.31 -37.89 -15.38
CA PHE E 196 -14.65 -38.26 -14.00
C PHE E 196 -13.43 -38.77 -13.25
N GLY E 197 -12.60 -39.59 -13.91
CA GLY E 197 -11.40 -40.09 -13.25
C GLY E 197 -10.42 -38.99 -12.90
N ILE E 198 -10.24 -38.02 -13.81
CA ILE E 198 -9.32 -36.92 -13.54
C ILE E 198 -9.82 -36.07 -12.38
N CYS E 199 -11.13 -35.78 -12.36
CA CYS E 199 -11.69 -34.99 -11.28
C CYS E 199 -11.61 -35.71 -9.94
N MET E 200 -11.89 -37.01 -9.93
CA MET E 200 -11.84 -37.77 -8.68
C MET E 200 -10.42 -37.82 -8.12
N VAL E 201 -9.44 -38.07 -8.98
CA VAL E 201 -8.05 -38.12 -8.51
C VAL E 201 -7.60 -36.75 -8.01
N PHE E 202 -7.92 -35.69 -8.76
CA PHE E 202 -7.53 -34.35 -8.34
C PHE E 202 -8.21 -33.95 -7.03
N SER E 203 -9.51 -34.25 -6.91
CA SER E 203 -10.24 -33.84 -5.72
C SER E 203 -9.84 -34.61 -4.47
N GLY E 204 -9.10 -35.71 -4.62
CA GLY E 204 -8.67 -36.47 -3.45
C GLY E 204 -7.19 -36.33 -3.19
N LEU E 205 -6.38 -36.24 -4.24
CA LEU E 205 -4.94 -36.14 -4.06
C LEU E 205 -4.52 -34.74 -3.65
N CYS E 206 -5.17 -33.71 -4.18
CA CYS E 206 -4.81 -32.34 -3.83
C CYS E 206 -5.02 -32.03 -2.35
N PRO E 207 -6.15 -32.37 -1.71
CA PRO E 207 -6.25 -32.13 -0.27
C PRO E 207 -5.21 -32.86 0.55
N LEU E 208 -4.82 -34.06 0.13
CA LEU E 208 -3.75 -34.77 0.83
C LEU E 208 -2.43 -34.02 0.73
N LEU E 209 -2.11 -33.50 -0.45
CA LEU E 209 -0.86 -32.77 -0.62
C LEU E 209 -0.94 -31.39 0.02
N LEU E 210 -2.09 -30.72 -0.09
CA LEU E 210 -2.25 -29.42 0.55
C LEU E 210 -2.18 -29.53 2.06
N GLY E 211 -2.82 -30.55 2.63
CA GLY E 211 -2.73 -30.76 4.06
C GLY E 211 -1.33 -31.08 4.53
N SER E 212 -0.51 -31.66 3.64
CA SER E 212 0.87 -31.94 3.98
C SER E 212 1.73 -30.68 3.94
N VAL E 213 1.44 -29.77 3.01
CA VAL E 213 2.19 -28.52 2.93
C VAL E 213 1.86 -27.62 4.12
N MET E 214 0.58 -27.58 4.50
CA MET E 214 0.20 -26.78 5.67
C MET E 214 0.88 -27.29 6.93
N ALA E 215 1.01 -28.62 7.06
CA ALA E 215 1.74 -29.17 8.20
C ALA E 215 3.19 -28.73 8.19
N ILE E 216 3.84 -28.76 7.02
CA ILE E 216 5.21 -28.29 6.92
C ILE E 216 5.29 -26.79 7.16
N GLU E 217 4.35 -26.02 6.60
CA GLU E 217 4.40 -24.57 6.73
C GLU E 217 4.22 -24.13 8.17
N ARG E 218 3.30 -24.75 8.91
CA ARG E 218 3.08 -24.37 10.29
C ARG E 218 4.08 -25.02 11.25
N CYS E 219 4.78 -26.07 10.81
CA CYS E 219 5.88 -26.59 11.61
C CYS E 219 7.06 -25.62 11.61
N ILE E 220 7.35 -25.02 10.45
CA ILE E 220 8.41 -24.01 10.37
C ILE E 220 7.98 -22.75 11.11
N GLY E 221 6.71 -22.38 11.02
CA GLY E 221 6.23 -21.18 11.68
C GLY E 221 6.23 -21.25 13.19
N VAL E 222 6.31 -22.46 13.75
CA VAL E 222 6.35 -22.66 15.19
C VAL E 222 7.76 -22.93 15.68
N THR E 223 8.47 -23.85 15.02
CA THR E 223 9.81 -24.22 15.45
C THR E 223 10.84 -23.14 15.10
N LYS E 224 10.67 -22.45 13.98
CA LYS E 224 11.56 -21.38 13.54
C LYS E 224 10.73 -20.17 13.15
N PRO E 225 10.17 -19.46 14.13
CA PRO E 225 9.30 -18.32 13.79
C PRO E 225 10.02 -17.18 13.10
N ILE E 226 11.27 -16.89 13.47
CA ILE E 226 11.98 -15.78 12.82
C ILE E 226 12.36 -16.14 11.40
N PHE E 227 12.85 -17.37 11.17
CA PHE E 227 13.17 -17.79 9.82
C PHE E 227 11.93 -17.82 8.94
N HIS E 228 10.80 -18.29 9.49
CA HIS E 228 9.56 -18.31 8.72
C HIS E 228 9.10 -16.89 8.41
N SER E 229 9.25 -15.97 9.35
CA SER E 229 8.77 -14.59 9.15
C SER E 229 9.64 -13.84 8.15
N THR E 230 10.95 -14.01 8.21
CA THR E 230 11.86 -13.17 7.42
C THR E 230 12.26 -13.81 6.10
N LYS E 231 12.68 -15.08 6.12
CA LYS E 231 13.16 -15.72 4.90
C LYS E 231 12.02 -16.07 3.95
N ILE E 232 10.92 -16.60 4.48
CA ILE E 232 9.81 -17.02 3.63
C ILE E 232 8.95 -15.81 3.29
N THR E 233 8.60 -15.69 2.02
CA THR E 233 7.83 -14.56 1.52
C THR E 233 6.46 -15.01 1.03
N SER E 234 5.63 -14.03 0.67
CA SER E 234 4.30 -14.34 0.15
C SER E 234 4.37 -15.03 -1.21
N LYS E 235 5.37 -14.69 -2.02
CA LYS E 235 5.52 -15.33 -3.32
C LYS E 235 5.81 -16.82 -3.18
N HIS E 236 6.63 -17.18 -2.19
CA HIS E 236 6.95 -18.59 -1.97
C HIS E 236 5.70 -19.39 -1.61
N VAL E 237 4.82 -18.81 -0.80
CA VAL E 237 3.58 -19.49 -0.44
C VAL E 237 2.70 -19.68 -1.65
N LYS E 238 2.57 -18.64 -2.48
CA LYS E 238 1.75 -18.75 -3.69
C LYS E 238 2.37 -19.72 -4.69
N MET E 239 3.71 -19.75 -4.79
CA MET E 239 4.37 -20.72 -5.64
C MET E 239 4.13 -22.14 -5.15
N MET E 240 4.23 -22.35 -3.83
CA MET E 240 3.97 -23.67 -3.27
C MET E 240 2.50 -24.06 -3.42
N LEU E 241 1.59 -23.10 -3.21
CA LEU E 241 0.17 -23.39 -3.35
C LEU E 241 -0.18 -23.76 -4.79
N SER E 242 0.40 -23.04 -5.76
CA SER E 242 0.12 -23.35 -7.16
C SER E 242 0.83 -24.61 -7.61
N GLY E 243 2.05 -24.85 -7.11
CA GLY E 243 2.78 -26.04 -7.49
C GLY E 243 2.10 -27.33 -7.04
N VAL E 244 1.45 -27.30 -5.88
CA VAL E 244 0.73 -28.48 -5.40
C VAL E 244 -0.46 -28.78 -6.30
N CYS E 245 -1.24 -27.75 -6.64
CA CYS E 245 -2.41 -27.96 -7.48
C CYS E 245 -2.01 -28.44 -8.87
N LEU E 246 -0.95 -27.88 -9.44
CA LEU E 246 -0.48 -28.35 -10.74
C LEU E 246 0.03 -29.77 -10.67
N PHE E 247 0.75 -30.12 -9.59
CA PHE E 247 1.25 -31.48 -9.43
C PHE E 247 0.10 -32.48 -9.32
N ALA E 248 -0.98 -32.10 -8.63
CA ALA E 248 -2.14 -32.97 -8.54
C ALA E 248 -2.81 -33.13 -9.92
N VAL E 249 -2.84 -32.06 -10.71
CA VAL E 249 -3.37 -32.17 -12.07
C VAL E 249 -2.49 -33.07 -12.92
N PHE E 250 -1.17 -32.95 -12.77
CA PHE E 250 -0.26 -33.78 -13.56
C PHE E 250 -0.45 -35.26 -13.28
N ILE E 251 -0.62 -35.62 -12.00
CA ILE E 251 -0.87 -37.03 -11.66
C ILE E 251 -2.22 -37.46 -12.19
N ALA E 252 -3.22 -36.57 -12.13
CA ALA E 252 -4.54 -36.90 -12.66
C ALA E 252 -4.49 -37.12 -14.17
N LEU E 253 -3.73 -36.29 -14.88
CA LEU E 253 -3.60 -36.42 -16.33
C LEU E 253 -2.60 -37.49 -16.73
N LEU E 254 -1.88 -38.08 -15.79
CA LEU E 254 -0.84 -39.06 -16.13
C LEU E 254 -1.39 -40.28 -16.87
N PRO E 255 -2.47 -40.92 -16.43
CA PRO E 255 -3.01 -42.04 -17.22
C PRO E 255 -3.43 -41.65 -18.62
N ILE E 256 -3.97 -40.43 -18.80
CA ILE E 256 -4.36 -39.98 -20.13
C ILE E 256 -3.14 -39.84 -21.02
N LEU E 257 -2.06 -39.26 -20.50
CA LEU E 257 -0.82 -39.12 -21.26
C LEU E 257 -0.07 -40.44 -21.41
N GLY E 258 -0.41 -41.45 -20.62
CA GLY E 258 0.26 -42.73 -20.70
C GLY E 258 -0.51 -43.75 -21.54
N HIS E 259 -1.42 -43.25 -22.37
CA HIS E 259 -2.28 -44.03 -23.27
C HIS E 259 -3.29 -44.87 -22.53
N ARG E 260 -3.35 -44.81 -21.19
CA ARG E 260 -4.36 -45.52 -20.43
C ARG E 260 -5.63 -44.67 -20.34
N ASP E 261 -6.67 -45.28 -19.76
CA ASP E 261 -7.95 -44.61 -19.55
C ASP E 261 -8.54 -45.07 -18.24
N TYR E 262 -9.19 -44.14 -17.54
CA TYR E 262 -9.86 -44.49 -16.28
C TYR E 262 -11.04 -45.41 -16.58
N LYS E 263 -11.15 -46.48 -15.81
CA LYS E 263 -12.16 -47.50 -16.02
C LYS E 263 -13.29 -47.34 -15.00
N ILE E 264 -14.49 -47.75 -15.41
CA ILE E 264 -15.66 -47.69 -14.52
C ILE E 264 -15.50 -48.74 -13.43
N GLN E 265 -15.80 -48.35 -12.20
CA GLN E 265 -15.60 -49.22 -11.05
C GLN E 265 -16.74 -50.22 -10.92
N ALA E 266 -16.64 -51.09 -9.91
CA ALA E 266 -17.63 -52.14 -9.72
C ALA E 266 -19.01 -51.57 -9.44
N SER E 267 -19.08 -50.52 -8.61
CA SER E 267 -20.35 -49.87 -8.34
C SER E 267 -20.94 -49.20 -9.56
N ARG E 268 -20.12 -48.94 -10.58
CA ARG E 268 -20.55 -48.28 -11.82
C ARG E 268 -21.15 -46.91 -11.55
N THR E 269 -20.63 -46.21 -10.55
CA THR E 269 -21.04 -44.86 -10.24
C THR E 269 -19.89 -43.87 -10.17
N TRP E 270 -18.64 -44.33 -10.16
CA TRP E 270 -17.48 -43.47 -10.13
C TRP E 270 -16.38 -44.09 -10.99
N CYS E 271 -15.50 -43.23 -11.50
CA CYS E 271 -14.42 -43.64 -12.38
C CYS E 271 -13.08 -43.41 -11.70
N PHE E 272 -12.18 -44.38 -11.85
CA PHE E 272 -10.89 -44.38 -11.18
C PHE E 272 -9.95 -45.29 -11.96
N TYR E 273 -8.80 -45.60 -11.38
CA TYR E 273 -7.87 -46.52 -12.03
C TYR E 273 -8.50 -47.91 -12.16
N ASN E 274 -7.95 -48.70 -13.07
CA ASN E 274 -8.43 -50.07 -13.24
C ASN E 274 -8.00 -50.92 -12.06
N THR E 275 -8.97 -51.61 -11.44
CA THR E 275 -8.70 -52.45 -10.29
C THR E 275 -9.19 -53.88 -10.43
N GLU E 276 -9.96 -54.20 -11.47
CA GLU E 276 -10.47 -55.54 -11.69
C GLU E 276 -9.64 -56.22 -12.77
N ASP E 277 -8.99 -57.33 -12.41
CA ASP E 277 -8.20 -58.13 -13.35
C ASP E 277 -7.09 -57.29 -13.99
N ILE E 278 -6.18 -56.80 -13.15
CA ILE E 278 -5.03 -56.05 -13.62
C ILE E 278 -3.96 -57.00 -14.10
N LYS E 279 -3.49 -56.80 -15.34
CA LYS E 279 -2.48 -57.67 -15.94
C LYS E 279 -1.17 -56.95 -16.21
N ASP E 280 -1.21 -55.84 -16.94
CA ASP E 280 0.01 -55.13 -17.28
C ASP E 280 0.60 -54.43 -16.06
N TRP E 281 1.93 -54.31 -16.06
CA TRP E 281 2.61 -53.69 -14.92
C TRP E 281 2.30 -52.20 -14.83
N GLU E 282 2.01 -51.55 -15.97
CA GLU E 282 1.64 -50.14 -15.93
C GLU E 282 0.29 -49.94 -15.24
N ASP E 283 -0.63 -50.90 -15.40
CA ASP E 283 -1.93 -50.79 -14.74
C ASP E 283 -1.79 -50.81 -13.23
N ARG E 284 -0.92 -51.67 -12.71
CA ARG E 284 -0.68 -51.74 -11.28
C ARG E 284 0.26 -50.64 -10.78
N PHE E 285 0.96 -49.96 -11.68
CA PHE E 285 1.84 -48.87 -11.28
C PHE E 285 1.04 -47.65 -10.84
N TYR E 286 -0.06 -47.35 -11.53
CA TYR E 286 -0.87 -46.19 -11.18
C TYR E 286 -1.49 -46.33 -9.80
N LEU E 287 -1.97 -47.53 -9.46
CA LEU E 287 -2.53 -47.75 -8.14
C LEU E 287 -1.46 -47.57 -7.06
N LEU E 288 -0.27 -48.11 -7.30
CA LEU E 288 0.82 -47.95 -6.33
C LEU E 288 1.25 -46.49 -6.23
N LEU E 289 1.33 -45.79 -7.35
CA LEU E 289 1.75 -44.38 -7.32
C LEU E 289 0.75 -43.53 -6.57
N PHE E 290 -0.55 -43.72 -6.80
CA PHE E 290 -1.56 -42.97 -6.07
C PHE E 290 -1.54 -43.31 -4.59
N SER E 291 -1.42 -44.60 -4.25
CA SER E 291 -1.38 -44.99 -2.85
C SER E 291 -0.12 -44.50 -2.16
N PHE E 292 1.02 -44.54 -2.86
CA PHE E 292 2.26 -44.06 -2.26
C PHE E 292 2.20 -42.56 -1.97
N LEU E 293 1.69 -41.78 -2.92
CA LEU E 293 1.59 -40.33 -2.70
C LEU E 293 0.63 -40.02 -1.57
N GLY E 294 -0.50 -40.73 -1.51
CA GLY E 294 -1.44 -40.50 -0.43
C GLY E 294 -0.87 -40.87 0.94
N LEU E 295 -0.18 -42.01 1.01
CA LEU E 295 0.42 -42.42 2.28
C LEU E 295 1.61 -41.55 2.64
N LEU E 296 2.38 -41.11 1.65
CA LEU E 296 3.50 -40.21 1.93
C LEU E 296 3.01 -38.88 2.47
N ALA E 297 1.91 -38.36 1.90
CA ALA E 297 1.35 -37.11 2.40
C ALA E 297 0.86 -37.26 3.83
N LEU E 298 0.21 -38.39 4.13
CA LEU E 298 -0.22 -38.66 5.51
C LEU E 298 0.98 -38.79 6.45
N GLY E 299 2.05 -39.45 5.98
CA GLY E 299 3.23 -39.58 6.82
C GLY E 299 3.90 -38.26 7.11
N VAL E 300 4.01 -37.39 6.10
CA VAL E 300 4.60 -36.08 6.31
C VAL E 300 3.68 -35.21 7.18
N SER E 301 2.38 -35.30 6.95
CA SER E 301 1.43 -34.56 7.77
C SER E 301 1.49 -35.01 9.23
N LEU E 302 1.56 -36.32 9.46
CA LEU E 302 1.70 -36.82 10.83
C LEU E 302 3.01 -36.38 11.45
N LEU E 303 4.11 -36.46 10.69
CA LEU E 303 5.41 -36.11 11.25
C LEU E 303 5.50 -34.65 11.62
N CYS E 304 4.99 -33.77 10.75
CA CYS E 304 5.12 -32.33 11.01
C CYS E 304 4.15 -31.85 12.08
N ASN E 305 2.91 -32.37 12.08
CA ASN E 305 1.96 -31.98 13.11
C ASN E 305 2.39 -32.48 14.48
N ALA E 306 2.97 -33.68 14.55
CA ALA E 306 3.46 -34.19 15.84
C ALA E 306 4.60 -33.34 16.36
N ILE E 307 5.52 -32.93 15.49
CA ILE E 307 6.62 -32.06 15.90
C ILE E 307 6.09 -30.73 16.38
N THR E 308 5.12 -30.16 15.67
CA THR E 308 4.53 -28.89 16.08
C THR E 308 3.83 -29.02 17.43
N GLY E 309 3.06 -30.09 17.61
CA GLY E 309 2.36 -30.28 18.87
C GLY E 309 3.29 -30.52 20.04
N ILE E 310 4.34 -31.32 19.82
CA ILE E 310 5.32 -31.57 20.87
C ILE E 310 6.06 -30.29 21.22
N THR E 311 6.42 -29.49 20.21
CA THR E 311 7.15 -28.25 20.45
C THR E 311 6.34 -27.29 21.31
N LEU E 312 5.04 -27.16 21.02
CA LEU E 312 4.20 -26.24 21.79
C LEU E 312 4.09 -26.66 23.25
N LEU E 313 3.95 -27.96 23.50
CA LEU E 313 3.83 -28.43 24.87
C LEU E 313 5.08 -28.12 25.68
N ARG E 314 6.26 -28.31 25.08
CA ARG E 314 7.50 -27.97 25.78
C ARG E 314 7.61 -26.47 26.00
N VAL E 315 7.24 -25.66 25.01
CA VAL E 315 7.32 -24.21 25.15
C VAL E 315 6.29 -23.71 26.14
N LYS E 316 5.06 -24.25 26.10
CA LYS E 316 4.02 -23.79 27.01
C LYS E 316 4.38 -24.07 28.46
N PHE E 317 4.93 -25.25 28.73
CA PHE E 317 5.30 -25.62 30.09
C PHE E 317 6.76 -25.31 30.39
N SER E 327 -0.94 -19.20 25.95
CA SER E 327 -2.31 -18.70 25.84
C SER E 327 -3.08 -19.49 24.78
N HIS E 328 -2.57 -19.48 23.55
CA HIS E 328 -3.17 -20.21 22.45
C HIS E 328 -2.48 -21.54 22.17
N HIS E 329 -1.56 -21.96 23.04
CA HIS E 329 -0.83 -23.21 22.80
C HIS E 329 -1.76 -24.41 22.88
N LEU E 330 -2.60 -24.48 23.92
CA LEU E 330 -3.51 -25.61 24.06
C LEU E 330 -4.59 -25.62 22.99
N GLU E 331 -5.04 -24.43 22.56
CA GLU E 331 -5.99 -24.36 21.46
C GLU E 331 -5.40 -24.91 20.18
N MET E 332 -4.12 -24.63 19.93
CA MET E 332 -3.47 -25.12 18.72
C MET E 332 -3.18 -26.62 18.79
N VAL E 333 -2.83 -27.11 19.99
CA VAL E 333 -2.53 -28.54 20.14
C VAL E 333 -3.77 -29.37 19.86
N ILE E 334 -4.93 -28.95 20.38
CA ILE E 334 -6.17 -29.65 20.10
C ILE E 334 -6.47 -29.62 18.60
N GLN E 335 -6.16 -28.50 17.95
CA GLN E 335 -6.35 -28.40 16.51
C GLN E 335 -5.48 -29.41 15.76
N LEU E 336 -4.22 -29.55 16.18
CA LEU E 336 -3.33 -30.50 15.52
C LEU E 336 -3.78 -31.94 15.72
N LEU E 337 -4.28 -32.26 16.92
CA LEU E 337 -4.78 -33.60 17.17
C LEU E 337 -5.97 -33.92 16.29
N ALA E 338 -6.87 -32.95 16.07
CA ALA E 338 -8.02 -33.19 15.20
C ALA E 338 -7.57 -33.40 13.76
N ILE E 339 -6.55 -32.68 13.31
CA ILE E 339 -6.06 -32.85 11.94
C ILE E 339 -5.47 -34.23 11.75
N MET E 340 -4.63 -34.67 12.70
CA MET E 340 -3.98 -35.96 12.57
C MET E 340 -4.98 -37.10 12.59
N CYS E 341 -5.97 -37.03 13.49
CA CYS E 341 -6.93 -38.12 13.60
C CYS E 341 -7.85 -38.17 12.39
N VAL E 342 -8.41 -37.03 12.00
CA VAL E 342 -9.39 -37.01 10.90
C VAL E 342 -8.75 -37.41 9.59
N SER E 343 -7.55 -36.88 9.31
CA SER E 343 -6.90 -37.19 8.04
C SER E 343 -6.55 -38.66 7.92
N CYS E 344 -6.03 -39.26 8.99
CA CYS E 344 -5.61 -40.66 8.92
C CYS E 344 -6.81 -41.60 8.90
N ILE E 345 -7.79 -41.36 9.77
CA ILE E 345 -8.93 -42.26 9.87
C ILE E 345 -9.72 -42.29 8.56
N CYS E 346 -9.87 -41.12 7.93
CA CYS E 346 -10.69 -41.05 6.73
C CYS E 346 -9.99 -41.65 5.51
N TRP E 347 -8.68 -41.43 5.37
CA TRP E 347 -7.98 -41.80 4.14
C TRP E 347 -7.20 -43.10 4.23
N SER E 348 -6.86 -43.59 5.42
CA SER E 348 -6.10 -44.84 5.51
C SER E 348 -6.82 -46.03 4.91
N PRO E 349 -8.11 -46.28 5.18
CA PRO E 349 -8.76 -47.45 4.56
C PRO E 349 -8.71 -47.45 3.05
N PHE E 350 -8.87 -46.29 2.40
CA PHE E 350 -8.85 -46.24 0.95
C PHE E 350 -7.44 -46.40 0.39
N LEU E 351 -6.47 -45.72 1.01
CA LEU E 351 -5.10 -45.78 0.50
C LEU E 351 -4.50 -47.17 0.67
N VAL E 352 -4.76 -47.82 1.80
CA VAL E 352 -4.27 -49.18 2.00
C VAL E 352 -4.96 -50.15 1.03
N THR E 353 -6.26 -49.93 0.79
CA THR E 353 -6.97 -50.79 -0.15
C THR E 353 -6.39 -50.71 -1.55
N MET E 354 -6.06 -49.50 -2.01
CA MET E 354 -5.46 -49.35 -3.33
C MET E 354 -4.09 -50.01 -3.38
N ALA E 355 -3.30 -49.89 -2.31
CA ALA E 355 -2.01 -50.58 -2.25
C ALA E 355 -2.21 -52.09 -2.24
N ASN E 356 -3.22 -52.58 -1.53
CA ASN E 356 -3.52 -54.01 -1.53
C ASN E 356 -3.91 -54.49 -2.92
N ILE E 357 -4.75 -53.72 -3.63
CA ILE E 357 -5.12 -54.08 -4.99
C ILE E 357 -3.92 -53.97 -5.92
N GLY E 358 -3.11 -52.93 -5.73
CA GLY E 358 -1.95 -52.75 -6.59
C GLY E 358 -0.91 -53.85 -6.48
N ILE E 359 -0.73 -54.40 -5.28
CA ILE E 359 0.30 -55.41 -5.04
C ILE E 359 -0.27 -56.80 -5.27
N ASN E 360 -1.31 -57.16 -4.51
CA ASN E 360 -1.87 -58.51 -4.57
C ASN E 360 -2.79 -58.73 -5.76
N GLY E 361 -3.20 -57.67 -6.45
CA GLY E 361 -4.06 -57.84 -7.60
C GLY E 361 -5.45 -58.31 -7.22
N ASN E 362 -6.09 -59.03 -8.15
CA ASN E 362 -7.43 -59.54 -7.92
C ASN E 362 -7.45 -60.68 -6.90
N HIS E 363 -6.29 -61.27 -6.59
CA HIS E 363 -6.24 -62.35 -5.61
C HIS E 363 -6.58 -61.88 -4.20
N SER E 364 -6.42 -60.59 -3.92
CA SER E 364 -6.75 -60.06 -2.61
C SER E 364 -8.27 -60.01 -2.42
N LEU E 365 -8.68 -60.03 -1.15
CA LEU E 365 -10.10 -59.97 -0.80
C LEU E 365 -10.58 -58.53 -0.72
N GLU E 366 -10.39 -57.81 -1.83
CA GLU E 366 -10.82 -56.42 -1.94
C GLU E 366 -12.19 -56.39 -2.62
N THR E 367 -13.22 -56.65 -1.81
CA THR E 367 -14.58 -56.71 -2.32
C THR E 367 -15.07 -55.31 -2.68
N CYS E 368 -16.15 -55.28 -3.48
CA CYS E 368 -16.73 -54.01 -3.88
C CYS E 368 -17.26 -53.23 -2.67
N GLU E 369 -17.88 -53.93 -1.73
CA GLU E 369 -18.40 -53.26 -0.54
C GLU E 369 -17.28 -52.63 0.28
N THR E 370 -16.16 -53.34 0.43
CA THR E 370 -15.02 -52.80 1.16
C THR E 370 -14.44 -51.57 0.45
N THR E 371 -14.30 -51.65 -0.87
CA THR E 371 -13.76 -50.52 -1.62
C THR E 371 -14.71 -49.32 -1.59
N LEU E 372 -16.01 -49.57 -1.72
CA LEU E 372 -16.98 -48.48 -1.71
C LEU E 372 -17.04 -47.80 -0.33
N PHE E 373 -16.99 -48.60 0.73
CA PHE E 373 -17.02 -48.03 2.08
C PHE E 373 -15.78 -47.19 2.35
N ALA E 374 -14.61 -47.65 1.91
CA ALA E 374 -13.39 -46.88 2.09
C ALA E 374 -13.42 -45.56 1.32
N LEU E 375 -14.07 -45.55 0.16
CA LEU E 375 -14.20 -44.31 -0.60
C LEU E 375 -15.03 -43.28 0.15
N ARG E 376 -16.12 -43.73 0.80
CA ARG E 376 -16.98 -42.79 1.51
C ARG E 376 -16.32 -42.26 2.77
N MET E 377 -15.41 -43.02 3.37
CA MET E 377 -14.63 -42.49 4.48
C MET E 377 -13.70 -41.38 4.02
N ALA E 378 -13.03 -41.58 2.88
CA ALA E 378 -12.13 -40.56 2.36
C ALA E 378 -12.89 -39.32 1.92
N THR E 379 -14.17 -39.46 1.57
CA THR E 379 -14.96 -38.30 1.18
C THR E 379 -15.16 -37.35 2.36
N TRP E 380 -15.33 -37.90 3.57
CA TRP E 380 -15.57 -37.07 4.74
C TRP E 380 -14.32 -36.30 5.17
N ASN E 381 -13.14 -36.67 4.68
CA ASN E 381 -11.95 -35.87 4.98
C ASN E 381 -12.08 -34.49 4.38
N GLN E 382 -12.62 -34.39 3.16
CA GLN E 382 -12.84 -33.10 2.53
C GLN E 382 -14.00 -32.35 3.18
N ILE E 383 -14.99 -33.09 3.69
CA ILE E 383 -16.12 -32.48 4.35
C ILE E 383 -15.70 -31.88 5.69
N LEU E 384 -14.87 -32.60 6.44
CA LEU E 384 -14.44 -32.15 7.76
C LEU E 384 -13.22 -31.24 7.71
N ASP E 385 -12.59 -31.08 6.56
CA ASP E 385 -11.44 -30.17 6.47
C ASP E 385 -11.79 -28.73 6.84
N PRO E 386 -12.88 -28.13 6.34
CA PRO E 386 -13.22 -26.78 6.83
C PRO E 386 -13.46 -26.72 8.32
N TRP E 387 -14.09 -27.74 8.89
CA TRP E 387 -14.35 -27.74 10.33
C TRP E 387 -13.07 -27.90 11.13
N VAL E 388 -12.25 -28.87 10.77
CA VAL E 388 -11.05 -29.16 11.56
C VAL E 388 -10.03 -28.03 11.44
N TYR E 389 -9.92 -27.42 10.26
CA TYR E 389 -8.94 -26.36 10.06
C TYR E 389 -9.47 -24.99 10.47
N ILE E 390 -10.74 -24.70 10.21
CA ILE E 390 -11.26 -23.36 10.37
C ILE E 390 -12.44 -23.31 11.33
N LEU E 391 -13.50 -24.05 11.02
CA LEU E 391 -14.79 -23.81 11.67
C LEU E 391 -14.78 -24.23 13.14
N LEU E 392 -14.10 -25.33 13.48
CA LEU E 392 -14.08 -25.77 14.86
C LEU E 392 -13.05 -24.99 15.68
N ARG E 393 -13.15 -23.67 15.66
CA ARG E 393 -12.25 -22.80 16.38
C ARG E 393 -13.06 -21.92 17.34
N LYS E 394 -12.52 -21.70 18.54
CA LYS E 394 -13.24 -20.96 19.56
C LYS E 394 -13.56 -19.54 19.08
N ALA E 395 -12.61 -18.88 18.43
CA ALA E 395 -12.88 -17.57 17.86
C ALA E 395 -13.94 -17.64 16.78
N VAL E 396 -13.89 -18.68 15.94
CA VAL E 396 -14.86 -18.83 14.86
C VAL E 396 -16.24 -19.12 15.42
N LEU E 397 -16.32 -20.00 16.42
CA LEU E 397 -17.61 -20.37 16.99
C LEU E 397 -18.31 -19.18 17.64
N LYS E 398 -17.55 -18.31 18.31
CA LYS E 398 -18.15 -17.14 18.92
C LYS E 398 -18.73 -16.20 17.87
N ASN E 399 -18.01 -16.02 16.76
CA ASN E 399 -18.54 -15.18 15.68
C ASN E 399 -19.81 -15.79 15.07
N LEU E 400 -19.82 -17.11 14.87
CA LEU E 400 -21.01 -17.76 14.35
C LEU E 400 -22.16 -17.71 15.35
N TYR E 401 -21.85 -17.71 16.65
CA TYR E 401 -22.90 -17.58 17.66
C TYR E 401 -23.61 -16.24 17.55
N LYS E 402 -22.84 -15.16 17.40
CA LYS E 402 -23.44 -13.84 17.24
C LYS E 402 -24.23 -13.74 15.94
N LEU E 403 -23.69 -14.29 14.85
CA LEU E 403 -24.39 -14.24 13.57
C LEU E 403 -25.68 -15.06 13.60
N ALA E 404 -25.65 -16.23 14.27
CA ALA E 404 -26.85 -17.05 14.36
C ALA E 404 -27.94 -16.35 15.14
N SER E 405 -27.58 -15.67 16.24
CA SER E 405 -28.57 -14.95 17.02
C SER E 405 -29.19 -13.80 16.23
N GLN E 406 -28.36 -13.07 15.49
CA GLN E 406 -28.84 -11.95 14.69
C GLN E 406 -29.44 -12.44 13.37
#